data_3PNU
#
_entry.id   3PNU
#
_cell.length_a   69.520
_cell.length_b   80.802
_cell.length_c   154.878
_cell.angle_alpha   90.00
_cell.angle_beta   90.00
_cell.angle_gamma   90.00
#
_symmetry.space_group_name_H-M   'P 21 21 21'
#
loop_
_entity.id
_entity.type
_entity.pdbx_description
1 polymer Dihydroorotase
2 non-polymer 'ZINC ION'
3 non-polymer 'PHOSPHATE ION'
4 water water
#
_entity_poly.entity_id   1
_entity_poly.type   'polypeptide(L)'
_entity_poly.pdbx_seq_one_letter_code
;MHHHHHHSSGVDLGTENLYFQSNAMKLKNPLDMHLHLRDNQMLELIAPLSARDFCAAVIMPNLIPPLCNLEDLKAYKMRI
LKACKDENFTPLMTLFFKNYDEKFLYSAKDEIFGI(KCX)LYPAGITTNSNGGVSSFDIEYLKPTLEAMSDLNIPLLVHG
ETNDFVMDRESNFAKIYEKLAKHFPRLKIVMEHITTKTLCELLKDYENLYATITLHHLIITLDDVIGGKMNPHLFCKPIA
KRYEDKEALCELAFSGYEKVMFGSDSAPHPKDTKECCGCAAGVFSAPVILPVLAELFKQNSSEENLQKFLSDNTCKIYDL
KFKEDKILTLEEKEWQVPNVYEDKYNQVVPYMAGEILKFQLKH
;
_entity_poly.pdbx_strand_id   A,B
#
loop_
_chem_comp.id
_chem_comp.type
_chem_comp.name
_chem_comp.formula
PO4 non-polymer 'PHOSPHATE ION' 'O4 P -3'
ZN non-polymer 'ZINC ION' 'Zn 2'
#
# COMPACT_ATOMS: atom_id res chain seq x y z
N GLU A 16 19.27 -33.81 -20.13
CA GLU A 16 18.52 -32.55 -20.40
C GLU A 16 19.42 -31.38 -20.86
N ASN A 17 20.75 -31.57 -20.84
CA ASN A 17 21.70 -30.53 -21.28
C ASN A 17 21.51 -30.09 -22.73
N LEU A 18 20.92 -30.96 -23.53
CA LEU A 18 20.73 -30.71 -24.93
C LEU A 18 19.23 -30.67 -25.27
N TYR A 19 18.83 -29.76 -26.16
CA TYR A 19 17.42 -29.64 -26.57
C TYR A 19 17.28 -29.18 -28.03
N PHE A 20 16.07 -29.35 -28.59
CA PHE A 20 15.75 -28.98 -29.97
C PHE A 20 14.91 -27.72 -30.28
N GLN A 21 14.50 -27.58 -31.53
CA GLN A 21 14.05 -26.31 -32.12
C GLN A 21 13.81 -25.11 -31.23
N SER A 22 12.77 -25.18 -30.41
CA SER A 22 12.62 -24.33 -29.25
C SER A 22 12.26 -25.22 -28.10
N ASN A 23 12.29 -24.69 -26.90
CA ASN A 23 11.92 -25.45 -25.71
C ASN A 23 10.56 -26.08 -25.82
N ALA A 24 10.48 -27.24 -26.47
CA ALA A 24 9.17 -27.86 -26.69
C ALA A 24 8.59 -28.42 -25.39
N MET A 25 8.04 -27.51 -24.56
CA MET A 25 7.44 -27.88 -23.28
C MET A 25 5.94 -28.13 -23.44
N LYS A 26 5.49 -29.32 -23.07
CA LYS A 26 4.08 -29.69 -23.13
C LYS A 26 3.44 -29.65 -21.75
N LEU A 27 2.24 -29.11 -21.69
CA LEU A 27 1.46 -29.06 -20.45
C LEU A 27 0.18 -29.81 -20.72
N LYS A 28 -0.20 -30.68 -19.80
CA LYS A 28 -1.39 -31.48 -19.95
C LYS A 28 -2.54 -31.07 -19.00
N ASN A 29 -3.68 -30.76 -19.59
CA ASN A 29 -4.89 -30.41 -18.84
C ASN A 29 -4.71 -29.36 -17.73
N PRO A 30 -4.18 -28.18 -18.08
CA PRO A 30 -4.01 -27.14 -17.07
C PRO A 30 -5.34 -26.71 -16.47
N LEU A 31 -5.32 -26.52 -15.17
CA LEU A 31 -6.50 -26.10 -14.46
C LEU A 31 -6.26 -24.78 -13.77
N ASP A 32 -7.23 -23.86 -13.88
CA ASP A 32 -7.15 -22.61 -13.14
C ASP A 32 -8.20 -22.75 -12.06
N MET A 33 -7.74 -23.03 -10.83
CA MET A 33 -8.69 -23.29 -9.71
C MET A 33 -9.26 -22.06 -9.00
N HIS A 34 -9.06 -20.87 -9.55
CA HIS A 34 -9.61 -19.65 -8.94
C HIS A 34 -9.71 -18.57 -10.01
N LEU A 35 -10.88 -18.37 -10.60
CA LEU A 35 -11.02 -17.42 -11.71
C LEU A 35 -12.29 -16.59 -11.66
N HIS A 36 -12.16 -15.31 -12.00
CA HIS A 36 -13.30 -14.38 -12.10
C HIS A 36 -13.56 -14.04 -13.55
N LEU A 37 -14.76 -14.36 -14.04
CA LEU A 37 -15.15 -14.11 -15.45
C LEU A 37 -16.20 -13.02 -15.58
N ARG A 38 -16.63 -12.46 -14.46
CA ARG A 38 -17.62 -11.38 -14.46
C ARG A 38 -18.92 -11.81 -15.17
N ASP A 39 -19.48 -10.96 -16.02
CA ASP A 39 -20.72 -11.32 -16.70
C ASP A 39 -21.02 -10.44 -17.89
N ASN A 40 -22.15 -10.73 -18.54
CA ASN A 40 -22.64 -9.93 -19.63
C ASN A 40 -21.54 -9.66 -20.64
N GLN A 41 -21.33 -8.40 -21.01
CA GLN A 41 -20.33 -8.06 -22.02
C GLN A 41 -18.88 -8.32 -21.61
N MET A 42 -18.58 -8.12 -20.33
CA MET A 42 -17.22 -8.35 -19.83
C MET A 42 -16.83 -9.84 -20.00
N LEU A 43 -17.76 -10.71 -19.66
CA LEU A 43 -17.54 -12.14 -19.81
C LEU A 43 -17.15 -12.48 -21.25
N GLU A 44 -17.90 -11.97 -22.22
CA GLU A 44 -17.64 -12.24 -23.65
C GLU A 44 -16.23 -11.81 -24.09
N LEU A 45 -15.66 -10.84 -23.39
CA LEU A 45 -14.32 -10.34 -23.73
C LEU A 45 -13.17 -11.14 -23.10
N ILE A 46 -13.27 -11.45 -21.81
CA ILE A 46 -12.20 -12.15 -21.11
C ILE A 46 -12.26 -13.70 -21.10
N ALA A 47 -13.46 -14.26 -21.11
CA ALA A 47 -13.63 -15.72 -21.04
C ALA A 47 -12.75 -16.47 -22.04
N PRO A 48 -12.72 -16.01 -23.29
CA PRO A 48 -11.87 -16.65 -24.29
C PRO A 48 -10.39 -16.63 -23.94
N LEU A 49 -9.96 -15.61 -23.23
CA LEU A 49 -8.54 -15.50 -22.89
C LEU A 49 -8.09 -16.64 -21.94
N SER A 50 -9.05 -17.17 -21.17
CA SER A 50 -8.79 -18.30 -20.25
C SER A 50 -9.15 -19.64 -20.91
N ALA A 51 -10.32 -19.68 -21.53
CA ALA A 51 -10.83 -20.91 -22.18
C ALA A 51 -9.87 -21.48 -23.19
N ARG A 52 -9.07 -20.61 -23.78
CA ARG A 52 -8.08 -21.03 -24.76
C ARG A 52 -6.87 -21.75 -24.11
N ASP A 53 -6.42 -21.29 -22.95
CA ASP A 53 -5.23 -21.88 -22.32
C ASP A 53 -5.51 -22.95 -21.25
N PHE A 54 -6.76 -23.04 -20.80
CA PHE A 54 -7.12 -24.01 -19.76
C PHE A 54 -8.23 -24.96 -20.18
N CYS A 55 -8.21 -26.18 -19.67
CA CYS A 55 -9.25 -27.15 -19.99
C CYS A 55 -10.45 -26.98 -19.07
N ALA A 56 -10.22 -26.31 -17.92
CA ALA A 56 -11.26 -26.05 -16.93
C ALA A 56 -10.83 -25.00 -15.90
N ALA A 57 -11.79 -24.38 -15.24
CA ALA A 57 -11.48 -23.36 -14.24
C ALA A 57 -12.59 -23.24 -13.22
N VAL A 58 -12.22 -23.06 -11.95
CA VAL A 58 -13.22 -22.83 -10.92
C VAL A 58 -13.68 -21.40 -11.14
N ILE A 59 -14.99 -21.21 -11.33
CA ILE A 59 -15.59 -19.90 -11.62
C ILE A 59 -16.18 -19.34 -10.34
N MET A 60 -15.62 -18.23 -9.85
CA MET A 60 -16.11 -17.66 -8.58
C MET A 60 -17.46 -16.99 -8.79
N PRO A 61 -18.32 -17.03 -7.76
CA PRO A 61 -19.67 -16.55 -7.88
C PRO A 61 -19.93 -15.14 -7.38
N ASN A 62 -18.89 -14.33 -7.23
CA ASN A 62 -19.08 -12.97 -6.69
C ASN A 62 -19.65 -12.01 -7.73
N LEU A 63 -20.87 -12.31 -8.16
CA LEU A 63 -21.59 -11.48 -9.11
C LEU A 63 -22.57 -10.60 -8.34
N ILE A 64 -23.17 -9.64 -9.04
CA ILE A 64 -24.14 -8.74 -8.45
C ILE A 64 -25.49 -9.00 -9.10
N PRO A 65 -26.39 -9.68 -8.38
CA PRO A 65 -26.24 -10.22 -7.03
C PRO A 65 -25.45 -11.53 -7.08
N PRO A 66 -24.98 -12.00 -5.93
CA PRO A 66 -24.19 -13.22 -5.95
C PRO A 66 -24.99 -14.49 -6.20
N LEU A 67 -24.41 -15.41 -6.95
CA LEU A 67 -25.05 -16.67 -7.28
C LEU A 67 -25.38 -17.45 -6.03
N CYS A 68 -26.68 -17.53 -5.70
CA CYS A 68 -27.15 -18.24 -4.51
C CYS A 68 -28.27 -19.26 -4.79
N ASN A 69 -28.49 -19.60 -6.06
CA ASN A 69 -29.49 -20.63 -6.41
C ASN A 69 -29.14 -21.29 -7.74
N LEU A 70 -29.61 -22.53 -7.93
CA LEU A 70 -29.28 -23.32 -9.13
C LEU A 70 -29.69 -22.72 -10.45
N GLU A 71 -30.88 -22.10 -10.46
CA GLU A 71 -31.42 -21.49 -11.68
C GLU A 71 -30.45 -20.46 -12.25
N ASP A 72 -30.03 -19.55 -11.39
CA ASP A 72 -29.13 -18.48 -11.80
C ASP A 72 -27.75 -19.02 -12.17
N LEU A 73 -27.32 -20.07 -11.46
CA LEU A 73 -26.02 -20.72 -11.72
C LEU A 73 -26.06 -21.33 -13.12
N LYS A 74 -27.12 -22.10 -13.42
CA LYS A 74 -27.27 -22.69 -14.76
C LYS A 74 -27.25 -21.59 -15.80
N ALA A 75 -28.02 -20.55 -15.55
CA ALA A 75 -28.11 -19.40 -16.45
C ALA A 75 -26.73 -18.83 -16.75
N TYR A 76 -25.94 -18.59 -15.69
CA TYR A 76 -24.58 -18.04 -15.84
C TYR A 76 -23.66 -19.00 -16.59
N LYS A 77 -23.79 -20.29 -16.26
CA LYS A 77 -23.01 -21.32 -16.94
C LYS A 77 -23.27 -21.25 -18.43
N MET A 78 -24.56 -21.24 -18.80
CA MET A 78 -24.91 -21.15 -20.21
C MET A 78 -24.19 -19.96 -20.82
N ARG A 79 -24.27 -18.80 -20.16
CA ARG A 79 -23.61 -17.60 -20.67
C ARG A 79 -22.12 -17.83 -20.86
N ILE A 80 -21.48 -18.51 -19.90
CA ILE A 80 -20.05 -18.80 -20.00
C ILE A 80 -19.79 -19.68 -21.22
N LEU A 81 -20.56 -20.76 -21.35
CA LEU A 81 -20.40 -21.68 -22.48
C LEU A 81 -20.49 -20.98 -23.84
N LYS A 82 -21.44 -20.07 -23.99
CA LYS A 82 -21.54 -19.31 -25.24
C LYS A 82 -20.31 -18.45 -25.47
N ALA A 83 -19.91 -17.73 -24.43
CA ALA A 83 -18.77 -16.82 -24.50
C ALA A 83 -17.46 -17.48 -24.90
N CYS A 84 -17.34 -18.77 -24.60
CA CYS A 84 -16.14 -19.56 -24.93
C CYS A 84 -16.19 -20.08 -26.35
N LYS A 85 -17.41 -20.44 -26.77
CA LYS A 85 -17.69 -20.91 -28.12
C LYS A 85 -16.95 -22.24 -28.34
N ASP A 86 -16.13 -22.29 -29.38
CA ASP A 86 -15.50 -23.50 -29.89
C ASP A 86 -14.35 -24.08 -29.05
N GLU A 87 -14.03 -23.43 -27.93
CA GLU A 87 -12.92 -23.91 -27.09
C GLU A 87 -13.30 -25.10 -26.24
N ASN A 88 -12.33 -25.99 -26.02
CA ASN A 88 -12.51 -27.14 -25.14
C ASN A 88 -12.25 -26.59 -23.75
N PHE A 89 -13.31 -26.38 -22.99
CA PHE A 89 -13.19 -25.76 -21.67
C PHE A 89 -14.37 -26.04 -20.77
N THR A 90 -14.12 -26.65 -19.61
CA THR A 90 -15.18 -26.93 -18.66
C THR A 90 -15.14 -25.97 -17.47
N PRO A 91 -16.15 -25.11 -17.35
CA PRO A 91 -16.22 -24.18 -16.23
C PRO A 91 -16.71 -24.90 -14.99
N LEU A 92 -15.97 -24.83 -13.89
CA LEU A 92 -16.37 -25.49 -12.65
C LEU A 92 -17.10 -24.46 -11.80
N MET A 93 -18.40 -24.61 -11.72
CA MET A 93 -19.27 -23.62 -11.08
C MET A 93 -19.30 -23.66 -9.56
N THR A 94 -19.53 -22.49 -8.96
CA THR A 94 -19.67 -22.39 -7.52
C THR A 94 -20.81 -21.47 -7.13
N LEU A 95 -21.32 -21.72 -5.93
CA LEU A 95 -22.31 -20.87 -5.31
C LEU A 95 -21.62 -20.03 -4.23
N PHE A 96 -22.21 -18.88 -3.98
CA PHE A 96 -21.76 -17.95 -2.96
C PHE A 96 -22.23 -18.51 -1.65
N PHE A 97 -21.36 -18.56 -0.65
CA PHE A 97 -21.75 -19.16 0.60
C PHE A 97 -22.81 -18.42 1.40
N LYS A 98 -23.70 -19.21 1.99
CA LYS A 98 -24.73 -18.76 2.91
C LYS A 98 -25.17 -20.04 3.60
N ASN A 99 -26.11 -19.98 4.55
CA ASN A 99 -26.53 -21.16 5.32
C ASN A 99 -27.44 -22.16 4.63
N TYR A 100 -27.02 -22.69 3.49
CA TYR A 100 -27.84 -23.65 2.76
C TYR A 100 -28.14 -24.86 3.64
N ASP A 101 -29.29 -25.51 3.42
CA ASP A 101 -29.65 -26.73 4.18
C ASP A 101 -29.29 -27.99 3.39
N GLU A 102 -29.39 -29.15 4.04
CA GLU A 102 -29.01 -30.41 3.41
C GLU A 102 -29.81 -30.65 2.14
N LYS A 103 -31.13 -30.46 2.22
CA LYS A 103 -31.98 -30.69 1.06
C LYS A 103 -31.50 -29.88 -0.15
N PHE A 104 -31.19 -28.61 0.04
CA PHE A 104 -30.73 -27.81 -1.07
C PHE A 104 -29.37 -28.26 -1.61
N LEU A 105 -28.49 -28.63 -0.69
CA LEU A 105 -27.15 -29.07 -1.06
C LEU A 105 -27.19 -30.38 -1.84
N TYR A 106 -28.06 -31.30 -1.44
CA TYR A 106 -28.18 -32.58 -2.14
C TYR A 106 -28.59 -32.41 -3.61
N SER A 107 -29.42 -31.42 -3.89
CA SER A 107 -29.85 -31.18 -5.26
C SER A 107 -28.80 -30.46 -6.08
N ALA A 108 -27.84 -29.82 -5.43
CA ALA A 108 -26.80 -29.06 -6.13
C ALA A 108 -25.43 -29.73 -6.28
N LYS A 109 -25.18 -30.79 -5.51
CA LYS A 109 -23.87 -31.46 -5.51
C LYS A 109 -23.26 -31.82 -6.87
N ASP A 110 -24.11 -32.17 -7.83
CA ASP A 110 -23.63 -32.56 -9.16
C ASP A 110 -23.61 -31.40 -10.10
N GLU A 111 -24.21 -30.28 -9.71
CA GLU A 111 -24.19 -29.06 -10.53
C GLU A 111 -23.03 -28.14 -10.18
N ILE A 112 -22.51 -28.25 -8.96
CA ILE A 112 -21.45 -27.35 -8.52
C ILE A 112 -20.18 -28.05 -8.10
N PHE A 113 -19.08 -27.35 -8.32
CA PHE A 113 -17.78 -27.80 -7.92
C PHE A 113 -17.51 -27.52 -6.45
N GLY A 114 -17.91 -26.33 -5.99
CA GLY A 114 -17.73 -25.93 -4.59
C GLY A 114 -18.57 -24.72 -4.20
N ILE A 115 -18.48 -24.37 -2.92
CA ILE A 115 -19.18 -23.21 -2.37
C ILE A 115 -18.08 -22.30 -1.82
N KCX A 116 -18.09 -21.03 -2.25
CA KCX A 116 -17.08 -20.04 -1.89
CB KCX A 116 -16.72 -19.22 -3.12
CG KCX A 116 -15.72 -18.09 -2.90
CD KCX A 116 -14.34 -18.59 -2.51
CE KCX A 116 -13.34 -17.45 -2.50
NZ KCX A 116 -13.36 -16.72 -3.78
C KCX A 116 -17.55 -19.11 -0.78
O KCX A 116 -18.55 -18.40 -0.94
CX KCX A 116 -12.64 -15.64 -3.99
OQ1 KCX A 116 -11.90 -15.26 -3.05
OQ2 KCX A 116 -12.70 -15.05 -5.12
N LEU A 117 -16.80 -19.11 0.34
CA LEU A 117 -17.13 -18.28 1.47
C LEU A 117 -16.35 -16.96 1.44
N TYR A 118 -17.09 -15.86 1.39
CA TYR A 118 -16.50 -14.54 1.44
C TYR A 118 -16.88 -13.93 2.79
N PRO A 119 -15.91 -13.52 3.61
CA PRO A 119 -16.25 -12.84 4.85
C PRO A 119 -16.88 -11.47 4.53
N ALA A 120 -17.90 -11.09 5.29
CA ALA A 120 -18.65 -9.84 5.06
C ALA A 120 -17.81 -8.62 4.74
N GLY A 121 -18.06 -8.07 3.56
CA GLY A 121 -17.42 -6.86 3.05
C GLY A 121 -15.91 -6.81 3.15
N ILE A 122 -15.24 -7.86 2.68
CA ILE A 122 -13.79 -7.89 2.72
C ILE A 122 -13.19 -7.65 1.33
N THR A 123 -13.86 -8.15 0.28
CA THR A 123 -13.36 -8.01 -1.10
C THR A 123 -14.46 -7.52 -2.08
N THR A 124 -14.20 -7.63 -3.38
CA THR A 124 -15.14 -7.20 -4.44
C THR A 124 -16.43 -8.04 -4.47
N ASN A 125 -17.55 -7.40 -4.13
CA ASN A 125 -18.90 -8.04 -4.09
C ASN A 125 -19.00 -9.10 -2.99
N SER A 126 -19.02 -8.64 -1.75
CA SER A 126 -19.07 -9.52 -0.59
C SER A 126 -20.01 -8.99 0.52
N ASN A 127 -20.80 -7.96 0.20
CA ASN A 127 -21.69 -7.35 1.21
C ASN A 127 -22.68 -8.34 1.80
N GLY A 128 -23.05 -9.36 1.02
CA GLY A 128 -23.95 -10.41 1.50
C GLY A 128 -23.16 -11.55 2.11
N GLY A 129 -21.89 -11.30 2.45
CA GLY A 129 -21.00 -12.32 3.00
C GLY A 129 -21.26 -12.76 4.42
N VAL A 130 -20.44 -13.70 4.89
CA VAL A 130 -20.56 -14.24 6.22
C VAL A 130 -20.06 -13.20 7.22
N SER A 131 -20.79 -13.02 8.30
CA SER A 131 -20.43 -12.04 9.31
C SER A 131 -20.24 -12.74 10.64
N SER A 132 -20.21 -14.06 10.63
CA SER A 132 -20.06 -14.80 11.85
C SER A 132 -19.51 -16.19 11.57
N PHE A 133 -18.54 -16.62 12.38
CA PHE A 133 -17.97 -17.95 12.26
C PHE A 133 -18.33 -18.78 13.50
N ASP A 134 -19.51 -18.50 14.04
CA ASP A 134 -20.05 -19.23 15.16
C ASP A 134 -20.25 -20.66 14.69
N ILE A 135 -19.75 -21.64 15.45
CA ILE A 135 -19.84 -23.04 15.04
C ILE A 135 -21.26 -23.60 14.83
N GLU A 136 -22.20 -23.30 15.73
CA GLU A 136 -23.57 -23.82 15.53
C GLU A 136 -24.29 -23.17 14.36
N TYR A 137 -24.07 -21.89 14.18
CA TYR A 137 -24.65 -21.16 13.06
C TYR A 137 -24.27 -21.82 11.70
N LEU A 138 -23.01 -22.23 11.56
CA LEU A 138 -22.54 -22.86 10.33
C LEU A 138 -22.64 -24.38 10.32
N LYS A 139 -22.86 -25.01 11.48
CA LYS A 139 -22.83 -26.47 11.52
C LYS A 139 -23.69 -27.26 10.52
N PRO A 140 -25.00 -26.97 10.47
CA PRO A 140 -25.81 -27.79 9.54
C PRO A 140 -25.26 -27.80 8.10
N THR A 141 -24.94 -26.63 7.59
CA THR A 141 -24.42 -26.49 6.25
C THR A 141 -23.08 -27.18 6.02
N LEU A 142 -22.11 -26.93 6.90
CA LEU A 142 -20.78 -27.53 6.72
C LEU A 142 -20.78 -29.05 6.88
N GLU A 143 -21.71 -29.56 7.69
CA GLU A 143 -21.82 -31.02 7.87
C GLU A 143 -22.41 -31.66 6.64
N ALA A 144 -23.41 -31.04 6.03
CA ALA A 144 -24.01 -31.55 4.82
C ALA A 144 -22.93 -31.52 3.73
N MET A 145 -22.18 -30.41 3.66
CA MET A 145 -21.11 -30.28 2.66
C MET A 145 -20.11 -31.38 2.85
N SER A 146 -19.84 -31.69 4.11
CA SER A 146 -18.89 -32.71 4.45
C SER A 146 -19.43 -34.07 3.97
N ASP A 147 -20.66 -34.39 4.35
CA ASP A 147 -21.31 -35.66 3.98
C ASP A 147 -21.37 -35.81 2.45
N LEU A 148 -21.77 -34.73 1.76
CA LEU A 148 -21.91 -34.73 0.30
C LEU A 148 -20.59 -34.50 -0.47
N ASN A 149 -19.47 -34.49 0.25
CA ASN A 149 -18.17 -34.31 -0.37
C ASN A 149 -18.07 -33.02 -1.20
N ILE A 150 -18.73 -31.95 -0.75
CA ILE A 150 -18.64 -30.65 -1.41
C ILE A 150 -17.56 -29.88 -0.66
N PRO A 151 -16.64 -29.23 -1.37
CA PRO A 151 -15.56 -28.47 -0.73
C PRO A 151 -15.89 -27.02 -0.42
N LEU A 152 -15.31 -26.48 0.65
CA LEU A 152 -15.49 -25.09 1.05
C LEU A 152 -14.23 -24.31 0.62
N LEU A 153 -14.42 -23.37 -0.30
CA LEU A 153 -13.38 -22.51 -0.81
C LEU A 153 -13.56 -21.23 -0.02
N VAL A 154 -12.48 -20.68 0.52
CA VAL A 154 -12.60 -19.51 1.39
C VAL A 154 -11.65 -18.39 1.05
N HIS A 155 -12.14 -17.15 1.08
CA HIS A 155 -11.28 -15.98 0.93
C HIS A 155 -10.91 -15.69 2.38
N GLY A 156 -9.72 -16.12 2.79
CA GLY A 156 -9.29 -16.01 4.20
C GLY A 156 -8.67 -14.70 4.69
N GLU A 157 -9.52 -13.75 5.03
CA GLU A 157 -9.07 -12.45 5.54
C GLU A 157 -10.07 -11.91 6.53
N THR A 158 -9.55 -11.36 7.63
CA THR A 158 -10.37 -10.68 8.62
C THR A 158 -10.41 -9.23 8.21
N ASN A 159 -10.95 -8.37 9.08
CA ASN A 159 -11.05 -6.92 8.86
C ASN A 159 -10.06 -6.12 9.71
N ASP A 160 -9.04 -6.81 10.21
CA ASP A 160 -7.98 -6.20 10.99
C ASP A 160 -7.05 -5.37 10.07
N PHE A 161 -5.95 -4.88 10.62
CA PHE A 161 -4.96 -4.15 9.87
C PHE A 161 -4.60 -4.95 8.62
N VAL A 162 -4.59 -4.26 7.48
CA VAL A 162 -4.40 -4.85 6.17
C VAL A 162 -3.28 -5.87 5.99
N MET A 163 -2.12 -5.64 6.58
CA MET A 163 -1.04 -6.59 6.44
C MET A 163 -1.24 -7.85 7.27
N ASP A 164 -2.18 -7.82 8.23
CA ASP A 164 -2.42 -8.96 9.12
C ASP A 164 -3.73 -9.71 8.86
N ARG A 165 -4.48 -9.28 7.88
CA ARG A 165 -5.78 -9.90 7.65
C ARG A 165 -5.74 -11.38 7.42
N GLU A 166 -4.74 -11.86 6.67
CA GLU A 166 -4.66 -13.28 6.38
C GLU A 166 -4.10 -14.07 7.56
N SER A 167 -2.99 -13.62 8.14
CA SER A 167 -2.44 -14.34 9.28
C SER A 167 -3.43 -14.41 10.43
N ASN A 168 -4.21 -13.35 10.64
CA ASN A 168 -5.18 -13.38 11.73
C ASN A 168 -6.33 -14.31 11.42
N PHE A 169 -6.52 -14.65 10.14
CA PHE A 169 -7.60 -15.54 9.75
C PHE A 169 -7.22 -17.02 10.00
N ALA A 170 -5.94 -17.26 10.29
CA ALA A 170 -5.46 -18.61 10.53
C ALA A 170 -6.24 -19.35 11.63
N LYS A 171 -6.55 -18.67 12.72
CA LYS A 171 -7.26 -19.30 13.84
C LYS A 171 -8.62 -19.75 13.39
N ILE A 172 -9.24 -19.03 12.45
CA ILE A 172 -10.53 -19.43 11.94
C ILE A 172 -10.41 -20.73 11.10
N TYR A 173 -9.54 -20.75 10.11
CA TYR A 173 -9.34 -21.97 9.35
C TYR A 173 -9.02 -23.16 10.26
N GLU A 174 -8.32 -22.89 11.34
CA GLU A 174 -7.93 -23.94 12.24
C GLU A 174 -9.16 -24.51 12.98
N LYS A 175 -10.05 -23.64 13.44
CA LYS A 175 -11.21 -24.15 14.17
C LYS A 175 -12.17 -24.87 13.22
N LEU A 176 -12.34 -24.35 12.00
CA LEU A 176 -13.18 -25.02 11.04
C LEU A 176 -12.62 -26.40 10.73
N ALA A 177 -11.29 -26.51 10.67
CA ALA A 177 -10.67 -27.81 10.35
C ALA A 177 -10.88 -28.83 11.46
N LYS A 178 -10.75 -28.37 12.70
CA LYS A 178 -10.90 -29.25 13.85
C LYS A 178 -12.36 -29.67 14.06
N HIS A 179 -13.29 -28.73 13.86
CA HIS A 179 -14.70 -28.99 14.02
C HIS A 179 -15.31 -29.72 12.84
N PHE A 180 -14.70 -29.65 11.66
CA PHE A 180 -15.26 -30.31 10.48
C PHE A 180 -14.14 -31.05 9.78
N PRO A 181 -13.63 -32.11 10.41
CA PRO A 181 -12.46 -32.81 9.92
C PRO A 181 -12.60 -33.60 8.64
N ARG A 182 -13.81 -33.83 8.16
CA ARG A 182 -14.01 -34.54 6.91
C ARG A 182 -14.36 -33.57 5.79
N LEU A 183 -14.37 -32.28 6.11
CA LEU A 183 -14.67 -31.25 5.10
C LEU A 183 -13.36 -30.83 4.40
N LYS A 184 -13.38 -30.70 3.08
CA LYS A 184 -12.23 -30.17 2.39
C LYS A 184 -12.36 -28.67 2.45
N ILE A 185 -11.32 -28.03 2.99
CA ILE A 185 -11.30 -26.60 3.14
C ILE A 185 -10.14 -26.07 2.35
N VAL A 186 -10.43 -25.30 1.31
CA VAL A 186 -9.38 -24.74 0.47
C VAL A 186 -9.14 -23.28 0.81
N MET A 187 -7.94 -23.01 1.32
CA MET A 187 -7.52 -21.66 1.65
C MET A 187 -7.14 -21.01 0.31
N GLU A 188 -8.03 -20.21 -0.26
CA GLU A 188 -7.75 -19.56 -1.55
C GLU A 188 -6.67 -18.53 -1.50
N HIS A 189 -6.05 -18.29 -2.66
CA HIS A 189 -4.94 -17.34 -2.82
C HIS A 189 -4.16 -17.04 -1.54
N ILE A 190 -3.43 -18.02 -1.02
CA ILE A 190 -2.67 -17.76 0.19
C ILE A 190 -1.50 -16.86 -0.16
N THR A 191 -1.14 -16.02 0.80
CA THR A 191 -0.10 -15.03 0.61
C THR A 191 0.86 -14.88 1.78
N THR A 192 0.76 -15.74 2.77
CA THR A 192 1.58 -15.63 3.96
C THR A 192 2.27 -16.93 4.34
N LYS A 193 3.38 -16.80 5.01
CA LYS A 193 4.10 -17.94 5.51
C LYS A 193 3.23 -18.64 6.55
N THR A 194 2.44 -17.86 7.28
CA THR A 194 1.55 -18.43 8.27
C THR A 194 0.66 -19.49 7.65
N LEU A 195 0.07 -19.22 6.49
CA LEU A 195 -0.84 -20.20 5.89
C LEU A 195 -0.07 -21.29 5.16
N CYS A 196 1.12 -20.98 4.68
CA CYS A 196 1.93 -22.04 4.09
C CYS A 196 2.19 -23.09 5.16
N GLU A 197 2.50 -22.66 6.37
CA GLU A 197 2.77 -23.59 7.48
C GLU A 197 1.52 -24.30 7.98
N LEU A 198 0.43 -23.56 8.18
CA LEU A 198 -0.82 -24.14 8.66
C LEU A 198 -1.33 -25.25 7.74
N LEU A 199 -1.04 -25.13 6.44
CA LEU A 199 -1.44 -26.11 5.45
C LEU A 199 -0.98 -27.52 5.83
N LYS A 200 0.21 -27.62 6.44
CA LYS A 200 0.80 -28.90 6.83
C LYS A 200 0.20 -29.46 8.12
N ASP A 201 -0.47 -28.63 8.92
CA ASP A 201 -0.99 -29.09 10.21
C ASP A 201 -2.32 -29.85 10.17
N TYR A 202 -3.09 -29.76 9.09
CA TYR A 202 -4.39 -30.45 9.05
C TYR A 202 -4.59 -31.11 7.70
N GLU A 203 -4.97 -32.38 7.73
CA GLU A 203 -5.16 -33.14 6.49
C GLU A 203 -6.24 -32.60 5.59
N ASN A 204 -7.26 -31.96 6.15
CA ASN A 204 -8.33 -31.42 5.35
C ASN A 204 -8.10 -29.97 4.84
N LEU A 205 -6.91 -29.43 5.06
CA LEU A 205 -6.58 -28.10 4.55
C LEU A 205 -5.82 -28.21 3.24
N TYR A 206 -6.24 -27.39 2.27
CA TYR A 206 -5.63 -27.33 0.97
C TYR A 206 -5.45 -25.86 0.64
N ALA A 207 -4.84 -25.55 -0.49
CA ALA A 207 -4.64 -24.15 -0.86
C ALA A 207 -4.45 -23.92 -2.35
N THR A 208 -4.75 -22.70 -2.79
CA THR A 208 -4.49 -22.30 -4.15
C THR A 208 -3.51 -21.14 -4.04
N ILE A 209 -2.63 -21.00 -5.03
CA ILE A 209 -1.68 -19.89 -5.09
C ILE A 209 -1.75 -19.21 -6.47
N THR A 210 -1.65 -17.88 -6.48
CA THR A 210 -1.72 -17.10 -7.71
C THR A 210 -0.39 -16.94 -8.38
N LEU A 211 -0.44 -16.42 -9.59
CA LEU A 211 0.77 -16.17 -10.29
C LEU A 211 1.49 -14.99 -9.67
N HIS A 212 0.79 -13.87 -9.51
CA HIS A 212 1.43 -12.66 -8.98
C HIS A 212 2.08 -12.83 -7.61
N HIS A 213 1.44 -13.54 -6.70
CA HIS A 213 2.00 -13.73 -5.37
C HIS A 213 3.28 -14.53 -5.34
N LEU A 214 3.60 -15.21 -6.44
CA LEU A 214 4.86 -15.94 -6.52
C LEU A 214 5.97 -14.99 -6.93
N ILE A 215 5.57 -13.82 -7.42
CA ILE A 215 6.49 -12.84 -7.98
C ILE A 215 6.68 -11.55 -7.17
N ILE A 216 5.58 -10.89 -6.78
CA ILE A 216 5.67 -9.59 -6.11
C ILE A 216 5.60 -9.59 -4.58
N THR A 217 6.05 -8.49 -3.98
CA THR A 217 5.94 -8.25 -2.54
C THR A 217 5.33 -6.85 -2.39
N LEU A 218 5.04 -6.45 -1.16
CA LEU A 218 4.47 -5.11 -0.92
C LEU A 218 5.36 -4.01 -1.55
N ASP A 219 6.66 -4.19 -1.55
CA ASP A 219 7.59 -3.20 -2.15
C ASP A 219 7.25 -2.85 -3.61
N ASP A 220 6.78 -3.81 -4.37
CA ASP A 220 6.42 -3.59 -5.78
C ASP A 220 5.18 -2.78 -5.87
N VAL A 221 4.31 -2.89 -4.87
CA VAL A 221 3.07 -2.17 -4.87
C VAL A 221 3.21 -0.73 -4.33
N ILE A 222 3.99 -0.54 -3.27
CA ILE A 222 4.14 0.80 -2.69
C ILE A 222 5.54 1.20 -2.24
N GLY A 223 6.55 0.42 -2.57
CA GLY A 223 7.92 0.73 -2.16
C GLY A 223 8.48 1.93 -2.89
N GLY A 224 8.24 2.02 -4.19
CA GLY A 224 8.71 3.16 -5.00
C GLY A 224 7.50 4.00 -5.31
N LYS A 225 6.98 3.86 -6.53
CA LYS A 225 5.77 4.59 -6.91
C LYS A 225 4.60 3.66 -6.69
N MET A 226 3.44 4.24 -6.42
CA MET A 226 2.27 3.44 -6.17
C MET A 226 1.93 2.75 -7.49
N ASN A 227 1.84 1.42 -7.49
N ASN A 227 1.85 1.41 -7.46
CA ASN A 227 1.55 0.68 -8.73
CA ASN A 227 1.56 0.61 -8.66
C ASN A 227 0.21 -0.03 -8.64
C ASN A 227 0.19 -0.05 -8.58
N PRO A 228 -0.88 0.69 -8.94
CA PRO A 228 -2.24 0.13 -8.85
C PRO A 228 -2.50 -1.15 -9.64
N HIS A 229 -1.73 -1.38 -10.71
N HIS A 229 -1.72 -1.39 -10.69
CA HIS A 229 -1.89 -2.60 -11.50
CA HIS A 229 -1.87 -2.60 -11.49
C HIS A 229 -1.40 -3.85 -10.72
C HIS A 229 -1.32 -3.84 -10.77
N LEU A 230 -0.69 -3.63 -9.61
CA LEU A 230 -0.18 -4.72 -8.78
C LEU A 230 -0.92 -4.78 -7.44
N PHE A 231 -2.01 -4.02 -7.34
CA PHE A 231 -2.82 -3.96 -6.14
C PHE A 231 -3.97 -4.96 -6.20
N CYS A 232 -4.00 -5.85 -5.22
CA CYS A 232 -5.05 -6.86 -5.10
C CYS A 232 -5.26 -7.25 -3.65
N LYS A 233 -6.27 -8.10 -3.44
CA LYS A 233 -6.58 -8.64 -2.14
C LYS A 233 -6.45 -10.16 -2.27
N PRO A 234 -5.69 -10.81 -1.37
CA PRO A 234 -4.93 -10.23 -0.28
C PRO A 234 -3.69 -9.54 -0.79
N ILE A 235 -3.36 -8.43 -0.16
CA ILE A 235 -2.23 -7.63 -0.53
C ILE A 235 -0.94 -8.44 -0.57
N ALA A 236 -0.04 -8.12 -1.49
CA ALA A 236 1.25 -8.78 -1.54
C ALA A 236 1.96 -8.41 -0.23
N LYS A 237 2.69 -9.36 0.36
CA LYS A 237 3.30 -9.14 1.67
C LYS A 237 4.84 -9.11 1.67
N ARG A 238 5.47 -9.83 2.59
CA ARG A 238 6.91 -9.78 2.73
C ARG A 238 7.70 -10.78 1.92
N TYR A 239 9.00 -10.52 1.85
N TYR A 239 9.01 -10.53 1.86
CA TYR A 239 9.90 -11.36 1.12
CA TYR A 239 9.93 -11.40 1.15
C TYR A 239 9.86 -12.83 1.57
C TYR A 239 9.81 -12.84 1.57
N GLU A 240 9.82 -13.06 2.88
CA GLU A 240 9.75 -14.41 3.42
C GLU A 240 8.41 -15.07 3.14
N ASP A 241 7.39 -14.26 2.94
CA ASP A 241 6.07 -14.78 2.61
C ASP A 241 6.13 -15.34 1.19
N LYS A 242 6.70 -14.56 0.27
CA LYS A 242 6.81 -14.96 -1.13
C LYS A 242 7.68 -16.19 -1.28
N GLU A 243 8.79 -16.22 -0.56
N GLU A 243 8.77 -16.21 -0.52
CA GLU A 243 9.67 -17.36 -0.62
CA GLU A 243 9.72 -17.30 -0.50
C GLU A 243 8.93 -18.63 -0.21
C GLU A 243 9.00 -18.61 -0.15
N ALA A 244 8.16 -18.58 0.88
CA ALA A 244 7.43 -19.78 1.33
C ALA A 244 6.41 -20.23 0.28
N LEU A 245 5.75 -19.28 -0.39
CA LEU A 245 4.78 -19.63 -1.44
C LEU A 245 5.52 -20.31 -2.60
N CYS A 246 6.67 -19.75 -2.99
CA CYS A 246 7.48 -20.30 -4.08
C CYS A 246 7.98 -21.72 -3.75
N GLU A 247 8.43 -21.92 -2.54
CA GLU A 247 8.90 -23.22 -2.09
C GLU A 247 7.78 -24.28 -2.24
N LEU A 248 6.54 -23.93 -1.94
CA LEU A 248 5.44 -24.88 -2.05
C LEU A 248 5.11 -25.15 -3.51
N ALA A 249 5.02 -24.10 -4.30
CA ALA A 249 4.71 -24.23 -5.71
C ALA A 249 5.83 -24.96 -6.44
N PHE A 250 7.06 -24.50 -6.27
CA PHE A 250 8.20 -25.10 -6.99
C PHE A 250 8.43 -26.55 -6.66
N SER A 251 8.15 -26.94 -5.41
CA SER A 251 8.33 -28.32 -5.00
C SER A 251 7.14 -29.20 -5.44
N GLY A 252 6.10 -28.58 -5.97
CA GLY A 252 4.91 -29.30 -6.39
C GLY A 252 4.10 -29.89 -5.23
N TYR A 253 4.30 -29.37 -4.02
CA TYR A 253 3.58 -29.87 -2.83
C TYR A 253 2.13 -30.23 -3.19
N GLU A 254 1.77 -31.46 -2.87
CA GLU A 254 0.49 -32.07 -3.28
C GLU A 254 -0.82 -31.38 -2.88
N LYS A 255 -0.83 -30.59 -1.81
CA LYS A 255 -2.07 -29.93 -1.38
C LYS A 255 -2.22 -28.48 -1.90
N VAL A 256 -1.26 -28.05 -2.73
CA VAL A 256 -1.29 -26.73 -3.32
C VAL A 256 -1.67 -26.86 -4.80
N MET A 257 -2.53 -25.96 -5.28
CA MET A 257 -3.01 -25.98 -6.65
C MET A 257 -2.91 -24.58 -7.20
N PHE A 258 -2.68 -24.44 -8.49
CA PHE A 258 -2.62 -23.11 -9.06
C PHE A 258 -4.03 -22.56 -9.19
N GLY A 259 -4.17 -21.31 -8.77
CA GLY A 259 -5.42 -20.55 -8.84
C GLY A 259 -4.97 -19.12 -9.11
N SER A 260 -5.32 -18.59 -10.27
CA SER A 260 -4.82 -17.28 -10.65
C SER A 260 -5.44 -16.11 -9.94
N ASP A 261 -6.68 -16.28 -9.54
CA ASP A 261 -7.46 -15.17 -9.01
C ASP A 261 -7.45 -14.04 -10.04
N SER A 262 -7.42 -14.38 -11.33
CA SER A 262 -7.44 -13.38 -12.41
C SER A 262 -8.73 -12.61 -12.28
N ALA A 263 -8.60 -11.30 -12.10
CA ALA A 263 -9.75 -10.44 -11.89
C ALA A 263 -9.59 -9.11 -12.60
N PRO A 264 -10.33 -8.93 -13.70
CA PRO A 264 -10.23 -7.72 -14.47
C PRO A 264 -11.11 -6.59 -13.96
N HIS A 265 -10.68 -5.38 -14.28
CA HIS A 265 -11.45 -4.20 -13.98
C HIS A 265 -11.42 -3.30 -15.21
N PRO A 266 -12.59 -2.73 -15.55
CA PRO A 266 -12.65 -1.83 -16.70
C PRO A 266 -11.93 -0.52 -16.40
N LYS A 267 -11.01 -0.13 -17.28
CA LYS A 267 -10.28 1.13 -17.15
C LYS A 267 -11.22 2.30 -17.54
N GLY A 274 -7.33 5.66 -10.16
CA GLY A 274 -6.92 4.33 -9.65
C GLY A 274 -6.97 4.26 -8.13
N CYS A 275 -7.35 3.10 -7.55
CA CYS A 275 -7.71 1.92 -8.33
C CYS A 275 -8.36 0.79 -7.51
N ALA A 276 -9.07 -0.07 -8.23
CA ALA A 276 -9.74 -1.23 -7.65
C ALA A 276 -8.76 -2.41 -7.54
N ALA A 277 -9.07 -3.31 -6.62
CA ALA A 277 -8.25 -4.49 -6.36
C ALA A 277 -8.42 -5.55 -7.45
N GLY A 278 -7.31 -6.18 -7.81
CA GLY A 278 -7.34 -7.25 -8.78
C GLY A 278 -6.28 -7.15 -9.84
N VAL A 279 -5.72 -8.30 -10.20
CA VAL A 279 -4.75 -8.43 -11.27
C VAL A 279 -5.43 -9.31 -12.30
N PHE A 280 -5.38 -8.90 -13.56
CA PHE A 280 -5.98 -9.69 -14.66
C PHE A 280 -4.83 -10.34 -15.36
N SER A 281 -4.50 -11.54 -14.89
CA SER A 281 -3.35 -12.30 -15.39
C SER A 281 -3.66 -13.43 -16.40
N ALA A 282 -4.94 -13.68 -16.67
CA ALA A 282 -5.34 -14.80 -17.57
C ALA A 282 -4.50 -14.94 -18.83
N PRO A 283 -4.42 -13.87 -19.63
CA PRO A 283 -3.64 -13.99 -20.87
C PRO A 283 -2.18 -14.32 -20.77
N VAL A 284 -1.56 -14.17 -19.62
CA VAL A 284 -0.12 -14.37 -19.54
C VAL A 284 0.36 -15.46 -18.59
N ILE A 285 -0.58 -16.20 -17.99
CA ILE A 285 -0.25 -17.22 -16.96
C ILE A 285 0.72 -18.30 -17.39
N LEU A 286 0.36 -19.04 -18.44
CA LEU A 286 1.18 -20.15 -18.88
C LEU A 286 2.60 -19.77 -19.22
N PRO A 287 2.77 -18.77 -20.09
CA PRO A 287 4.16 -18.44 -20.42
C PRO A 287 4.95 -17.94 -19.19
N VAL A 288 4.33 -17.07 -18.38
CA VAL A 288 5.01 -16.55 -17.21
C VAL A 288 5.37 -17.72 -16.28
N LEU A 289 4.41 -18.63 -16.04
CA LEU A 289 4.69 -19.81 -15.20
C LEU A 289 5.78 -20.69 -15.80
N ALA A 290 5.73 -20.84 -17.13
CA ALA A 290 6.75 -21.63 -17.82
C ALA A 290 8.15 -21.09 -17.50
N GLU A 291 8.34 -19.79 -17.69
CA GLU A 291 9.66 -19.18 -17.40
C GLU A 291 10.08 -19.41 -15.94
N LEU A 292 9.17 -19.12 -15.01
CA LEU A 292 9.41 -19.30 -13.57
C LEU A 292 9.86 -20.68 -13.20
N PHE A 293 9.12 -21.68 -13.65
CA PHE A 293 9.48 -23.07 -13.33
C PHE A 293 10.80 -23.54 -13.95
N LYS A 294 11.17 -23.04 -15.14
CA LYS A 294 12.51 -23.41 -15.68
C LYS A 294 13.62 -22.89 -14.77
N GLN A 295 13.54 -21.62 -14.41
CA GLN A 295 14.57 -21.00 -13.57
C GLN A 295 14.66 -21.60 -12.17
N ASN A 296 13.52 -22.01 -11.62
CA ASN A 296 13.48 -22.47 -10.23
C ASN A 296 12.97 -23.87 -9.96
N SER A 297 12.42 -24.54 -10.97
CA SER A 297 11.81 -25.86 -10.71
C SER A 297 11.95 -26.82 -11.90
N SER A 298 11.01 -27.75 -12.02
CA SER A 298 11.01 -28.73 -13.10
C SER A 298 9.69 -28.70 -13.85
N GLU A 299 9.70 -29.25 -15.06
CA GLU A 299 8.49 -29.35 -15.86
C GLU A 299 7.47 -30.23 -15.15
N GLU A 300 7.97 -31.24 -14.44
CA GLU A 300 7.13 -32.15 -13.70
C GLU A 300 6.36 -31.42 -12.60
N ASN A 301 7.08 -30.62 -11.81
CA ASN A 301 6.46 -29.88 -10.74
C ASN A 301 5.49 -28.82 -11.26
N LEU A 302 5.72 -28.30 -12.44
CA LEU A 302 4.77 -27.35 -13.01
C LEU A 302 3.46 -28.10 -13.35
N GLN A 303 3.64 -29.29 -13.90
CA GLN A 303 2.51 -30.14 -14.30
C GLN A 303 1.70 -30.52 -13.07
N LYS A 304 2.37 -30.69 -11.93
CA LYS A 304 1.69 -30.99 -10.67
C LYS A 304 0.91 -29.79 -10.12
N PHE A 305 1.55 -28.64 -10.12
CA PHE A 305 0.99 -27.41 -9.61
C PHE A 305 -0.22 -26.94 -10.42
N LEU A 306 -0.13 -27.06 -11.75
CA LEU A 306 -1.21 -26.65 -12.65
C LEU A 306 -2.28 -27.68 -12.89
N SER A 307 -2.01 -28.95 -12.62
CA SER A 307 -2.99 -29.96 -12.96
C SER A 307 -3.06 -31.23 -12.14
N ASP A 308 -1.94 -31.93 -11.97
CA ASP A 308 -1.99 -33.23 -11.27
C ASP A 308 -2.43 -33.17 -9.80
N ASN A 309 -2.06 -32.11 -9.10
CA ASN A 309 -2.44 -31.99 -7.70
C ASN A 309 -3.95 -31.90 -7.57
N THR A 310 -4.54 -31.00 -8.35
CA THR A 310 -5.96 -30.85 -8.34
C THR A 310 -6.60 -32.16 -8.75
N CYS A 311 -6.12 -32.77 -9.83
CA CYS A 311 -6.70 -34.04 -10.31
C CYS A 311 -6.69 -35.11 -9.24
N LYS A 312 -5.60 -35.22 -8.50
CA LYS A 312 -5.49 -36.22 -7.44
C LYS A 312 -6.41 -35.93 -6.25
N ILE A 313 -6.46 -34.66 -5.83
CA ILE A 313 -7.29 -34.21 -4.72
C ILE A 313 -8.76 -34.47 -4.92
N TYR A 314 -9.24 -34.23 -6.13
CA TYR A 314 -10.67 -34.38 -6.43
C TYR A 314 -11.05 -35.62 -7.28
N ASP A 315 -10.05 -36.33 -7.82
CA ASP A 315 -10.30 -37.51 -8.69
C ASP A 315 -10.98 -37.09 -9.96
N LEU A 316 -10.33 -36.20 -10.68
CA LEU A 316 -10.88 -35.74 -11.92
C LEU A 316 -10.42 -36.64 -13.06
N LYS A 317 -11.23 -36.68 -14.11
CA LYS A 317 -10.92 -37.44 -15.30
C LYS A 317 -11.35 -36.64 -16.51
N PHE A 318 -10.71 -36.90 -17.65
CA PHE A 318 -11.02 -36.16 -18.89
C PHE A 318 -11.35 -37.07 -20.09
N LYS A 319 -12.46 -36.76 -20.78
CA LYS A 319 -12.86 -37.52 -21.97
C LYS A 319 -11.71 -37.47 -22.99
N GLU A 320 -11.12 -36.29 -23.16
CA GLU A 320 -9.94 -36.15 -24.00
C GLU A 320 -9.05 -35.04 -23.48
N ASP A 321 -7.76 -35.33 -23.41
CA ASP A 321 -6.78 -34.41 -22.90
C ASP A 321 -6.62 -33.17 -23.76
N LYS A 322 -6.29 -32.06 -23.11
CA LYS A 322 -6.01 -30.81 -23.78
C LYS A 322 -4.54 -30.54 -23.56
N ILE A 323 -3.71 -30.92 -24.51
CA ILE A 323 -2.28 -30.68 -24.41
C ILE A 323 -1.93 -29.36 -25.05
N LEU A 324 -1.17 -28.54 -24.33
CA LEU A 324 -0.74 -27.24 -24.80
C LEU A 324 0.77 -27.24 -24.83
N THR A 325 1.35 -26.68 -25.90
CA THR A 325 2.79 -26.62 -26.08
C THR A 325 3.26 -25.19 -26.04
N LEU A 326 4.32 -24.94 -25.29
CA LEU A 326 4.88 -23.61 -25.15
C LEU A 326 6.32 -23.57 -25.64
N GLU A 327 6.58 -22.64 -26.56
CA GLU A 327 7.90 -22.47 -27.18
C GLU A 327 8.52 -21.17 -26.77
N GLU A 328 9.84 -21.11 -26.77
CA GLU A 328 10.51 -19.86 -26.43
C GLU A 328 10.61 -18.91 -27.63
N LYS A 329 9.49 -18.27 -27.95
CA LYS A 329 9.35 -17.29 -29.03
C LYS A 329 8.80 -15.99 -28.45
N GLU A 330 9.68 -15.04 -28.20
CA GLU A 330 9.30 -13.74 -27.62
C GLU A 330 8.00 -13.14 -28.15
N TRP A 331 7.35 -12.35 -27.30
CA TRP A 331 6.12 -11.65 -27.70
C TRP A 331 5.80 -10.55 -26.69
N GLN A 332 5.21 -9.47 -27.17
CA GLN A 332 4.87 -8.34 -26.32
C GLN A 332 3.42 -8.44 -25.91
N VAL A 333 3.14 -8.14 -24.65
CA VAL A 333 1.81 -8.23 -24.13
C VAL A 333 1.01 -6.99 -24.48
N PRO A 334 -0.17 -7.16 -25.06
CA PRO A 334 -1.02 -6.02 -25.38
C PRO A 334 -1.20 -5.13 -24.19
N ASN A 335 -1.35 -3.83 -24.42
CA ASN A 335 -1.55 -2.90 -23.34
C ASN A 335 -3.00 -2.90 -22.88
N VAL A 336 -3.87 -3.54 -23.66
CA VAL A 336 -5.28 -3.63 -23.34
C VAL A 336 -5.97 -4.72 -24.17
N TYR A 337 -7.07 -5.26 -23.67
CA TYR A 337 -7.84 -6.25 -24.42
C TYR A 337 -9.21 -5.61 -24.63
N GLU A 338 -9.37 -4.99 -25.79
CA GLU A 338 -10.55 -4.21 -26.15
C GLU A 338 -11.71 -4.91 -26.84
N ASP A 339 -12.77 -4.13 -26.97
CA ASP A 339 -13.95 -4.49 -27.69
C ASP A 339 -14.92 -3.28 -27.65
N LYS A 340 -16.16 -3.54 -28.03
CA LYS A 340 -17.25 -2.57 -28.12
C LYS A 340 -17.73 -2.04 -26.76
N TYR A 341 -17.74 -2.90 -25.75
CA TYR A 341 -18.28 -2.55 -24.43
C TYR A 341 -17.27 -2.23 -23.29
N ASN A 342 -16.12 -2.88 -23.29
CA ASN A 342 -15.12 -2.72 -22.23
C ASN A 342 -13.68 -2.72 -22.74
N GLN A 343 -12.76 -2.37 -21.86
CA GLN A 343 -11.33 -2.36 -22.17
C GLN A 343 -10.62 -2.64 -20.85
N VAL A 344 -9.79 -3.68 -20.85
CA VAL A 344 -9.11 -4.13 -19.65
C VAL A 344 -7.61 -4.12 -19.81
N VAL A 345 -6.90 -3.73 -18.76
CA VAL A 345 -5.45 -3.70 -18.76
C VAL A 345 -4.98 -5.03 -18.19
N PRO A 346 -4.17 -5.75 -18.96
CA PRO A 346 -3.68 -7.04 -18.49
C PRO A 346 -2.45 -6.91 -17.63
N TYR A 347 -2.14 -8.00 -16.92
CA TYR A 347 -0.97 -8.10 -16.08
C TYR A 347 0.22 -8.19 -17.00
N MET A 348 1.38 -7.74 -16.55
CA MET A 348 2.57 -7.77 -17.39
C MET A 348 2.37 -6.94 -18.69
N ALA A 349 1.33 -6.11 -18.73
CA ALA A 349 1.04 -5.27 -19.89
C ALA A 349 2.34 -4.66 -20.44
N GLY A 350 2.46 -4.62 -21.77
CA GLY A 350 3.66 -4.06 -22.42
C GLY A 350 4.98 -4.77 -22.19
N GLU A 351 4.93 -5.89 -21.46
CA GLU A 351 6.14 -6.65 -21.16
C GLU A 351 6.47 -7.65 -22.27
N ILE A 352 7.76 -8.04 -22.35
CA ILE A 352 8.23 -9.02 -23.33
C ILE A 352 8.52 -10.35 -22.65
N LEU A 353 7.63 -11.31 -22.92
CA LEU A 353 7.69 -12.65 -22.36
C LEU A 353 8.54 -13.57 -23.23
N LYS A 354 9.41 -14.32 -22.57
CA LYS A 354 10.31 -15.26 -23.23
C LYS A 354 9.62 -16.52 -23.81
N PHE A 355 8.40 -16.83 -23.36
CA PHE A 355 7.66 -18.00 -23.85
C PHE A 355 6.33 -17.64 -24.47
N GLN A 356 5.87 -18.51 -25.37
CA GLN A 356 4.61 -18.32 -26.05
C GLN A 356 3.91 -19.65 -26.32
N LEU A 357 2.60 -19.54 -26.51
CA LEU A 357 1.75 -20.67 -26.79
C LEU A 357 1.38 -20.62 -28.27
N LYS A 358 1.32 -21.77 -28.93
CA LYS A 358 0.93 -21.81 -30.33
C LYS A 358 -0.54 -21.38 -30.53
N HIS A 359 -0.74 -20.07 -30.69
CA HIS A 359 -2.08 -19.50 -30.89
C HIS A 359 -2.87 -20.22 -31.99
N GLU B 16 -12.61 28.29 28.67
CA GLU B 16 -13.67 29.34 28.87
C GLU B 16 -14.95 28.93 28.13
N ASN B 17 -16.02 28.62 28.89
CA ASN B 17 -17.29 28.11 28.31
C ASN B 17 -17.98 28.90 27.20
N LEU B 18 -18.11 30.20 27.38
CA LEU B 18 -18.74 31.06 26.38
C LEU B 18 -17.63 31.64 25.50
N TYR B 19 -17.88 31.69 24.20
CA TYR B 19 -16.89 32.25 23.29
C TYR B 19 -17.57 32.81 22.06
N PHE B 20 -16.80 33.51 21.25
CA PHE B 20 -17.30 34.18 20.06
C PHE B 20 -16.97 33.41 18.79
N GLN B 21 -17.96 33.36 17.90
CA GLN B 21 -17.84 32.72 16.59
C GLN B 21 -16.57 33.19 15.89
N SER B 22 -16.30 34.49 15.95
CA SER B 22 -15.15 35.07 15.28
C SER B 22 -13.79 34.74 15.94
N ASN B 23 -13.82 34.17 17.14
CA ASN B 23 -12.59 33.82 17.82
C ASN B 23 -12.70 32.47 18.55
N ALA B 24 -12.63 31.37 17.76
CA ALA B 24 -12.70 29.99 18.28
C ALA B 24 -11.32 29.50 18.74
N MET B 25 -10.28 29.98 18.05
CA MET B 25 -8.88 29.70 18.41
C MET B 25 -7.96 30.77 17.96
N LYS B 26 -6.95 31.02 18.77
CA LYS B 26 -5.96 32.03 18.49
C LYS B 26 -4.59 31.36 18.58
N LEU B 27 -3.78 31.52 17.54
CA LEU B 27 -2.46 30.92 17.49
C LEU B 27 -1.40 31.97 17.22
N LYS B 28 -0.28 31.87 17.92
CA LYS B 28 0.78 32.89 17.80
C LYS B 28 2.08 32.33 17.21
N ASN B 29 2.55 32.99 16.17
CA ASN B 29 3.79 32.64 15.52
C ASN B 29 3.87 31.15 15.17
N PRO B 30 2.94 30.69 14.33
CA PRO B 30 2.94 29.30 13.94
C PRO B 30 4.09 29.00 12.99
N LEU B 31 4.84 27.94 13.27
CA LEU B 31 5.99 27.55 12.44
C LEU B 31 5.76 26.16 11.79
N ASP B 32 6.16 26.02 10.52
CA ASP B 32 6.14 24.75 9.80
C ASP B 32 7.59 24.29 9.64
N MET B 33 8.03 23.36 10.48
CA MET B 33 9.45 22.96 10.48
C MET B 33 9.90 21.93 9.43
N HIS B 34 9.07 21.72 8.41
CA HIS B 34 9.42 20.82 7.30
C HIS B 34 8.49 21.12 6.14
N LEU B 35 8.93 21.94 5.19
CA LEU B 35 8.06 22.33 4.07
C LEU B 35 8.77 22.19 2.74
N HIS B 36 8.02 21.80 1.71
CA HIS B 36 8.52 21.70 0.35
C HIS B 36 7.79 22.75 -0.49
N LEU B 37 8.53 23.75 -0.96
CA LEU B 37 7.92 24.83 -1.76
C LEU B 37 8.18 24.69 -3.25
N ARG B 38 8.89 23.63 -3.66
CA ARG B 38 9.23 23.43 -5.08
C ARG B 38 9.85 24.68 -5.66
N ASP B 39 9.71 24.91 -6.95
CA ASP B 39 10.35 26.07 -7.54
C ASP B 39 9.60 26.61 -8.76
N ASN B 40 10.06 27.75 -9.29
CA ASN B 40 9.47 28.35 -10.49
C ASN B 40 7.95 28.55 -10.44
N GLN B 41 7.25 28.10 -11.49
CA GLN B 41 5.78 28.29 -11.57
C GLN B 41 5.03 27.65 -10.40
N MET B 42 5.45 26.46 -9.97
CA MET B 42 4.79 25.77 -8.85
C MET B 42 4.92 26.57 -7.56
N LEU B 43 6.14 27.03 -7.30
CA LEU B 43 6.43 27.84 -6.11
C LEU B 43 5.48 29.03 -5.99
N GLU B 44 5.19 29.67 -7.12
CA GLU B 44 4.31 30.83 -7.12
C GLU B 44 2.91 30.47 -6.72
N LEU B 45 2.50 29.27 -7.10
CA LEU B 45 1.17 28.79 -6.77
C LEU B 45 1.00 28.44 -5.31
N ILE B 46 1.98 27.74 -4.75
CA ILE B 46 1.86 27.21 -3.39
C ILE B 46 2.49 27.97 -2.23
N ALA B 47 3.51 28.79 -2.48
CA ALA B 47 4.13 29.52 -1.37
C ALA B 47 3.15 30.41 -0.58
N PRO B 48 2.24 31.10 -1.28
CA PRO B 48 1.33 31.94 -0.53
C PRO B 48 0.48 31.15 0.44
N LEU B 49 0.18 29.91 0.06
CA LEU B 49 -0.70 29.06 0.86
C LEU B 49 -0.07 28.73 2.22
N SER B 50 1.26 28.66 2.26
CA SER B 50 1.95 28.49 3.53
C SER B 50 2.23 29.87 4.15
N ALA B 51 2.72 30.80 3.34
CA ALA B 51 3.04 32.14 3.81
C ALA B 51 1.91 32.79 4.59
N ARG B 52 0.69 32.73 4.09
CA ARG B 52 -0.44 33.37 4.78
C ARG B 52 -0.80 32.77 6.16
N ASP B 53 -0.42 31.52 6.43
CA ASP B 53 -0.77 30.89 7.71
C ASP B 53 0.39 30.67 8.67
N PHE B 54 1.62 30.93 8.21
CA PHE B 54 2.80 30.74 9.06
C PHE B 54 3.73 31.94 9.01
N CYS B 55 4.42 32.19 10.13
CA CYS B 55 5.36 33.30 10.16
C CYS B 55 6.72 32.83 9.66
N ALA B 56 6.95 31.52 9.65
CA ALA B 56 8.20 30.94 9.17
C ALA B 56 8.11 29.42 8.92
N ALA B 57 8.92 28.93 7.98
CA ALA B 57 8.97 27.51 7.61
C ALA B 57 10.37 27.07 7.21
N VAL B 58 10.78 25.88 7.63
CA VAL B 58 12.05 25.30 7.21
C VAL B 58 11.85 24.80 5.78
N ILE B 59 12.58 25.38 4.85
CA ILE B 59 12.44 25.02 3.44
C ILE B 59 13.44 23.93 3.08
N MET B 60 12.91 22.78 2.67
CA MET B 60 13.76 21.66 2.31
C MET B 60 14.45 21.93 0.95
N PRO B 61 15.69 21.42 0.78
CA PRO B 61 16.55 21.71 -0.35
C PRO B 61 16.55 20.73 -1.48
N ASN B 62 15.57 19.85 -1.55
CA ASN B 62 15.55 18.81 -2.60
C ASN B 62 15.01 19.34 -3.93
N LEU B 63 15.68 20.37 -4.44
CA LEU B 63 15.34 20.90 -5.76
C LEU B 63 16.08 20.04 -6.77
N ILE B 64 15.86 20.26 -8.06
CA ILE B 64 16.58 19.51 -9.09
C ILE B 64 17.40 20.49 -9.91
N PRO B 65 18.71 20.56 -9.68
CA PRO B 65 19.40 19.74 -8.68
C PRO B 65 19.31 20.35 -7.28
N PRO B 66 19.74 19.61 -6.25
CA PRO B 66 19.71 20.03 -4.86
C PRO B 66 20.61 21.21 -4.55
N LEU B 67 20.22 21.98 -3.53
CA LEU B 67 20.99 23.14 -3.09
C LEU B 67 22.21 22.69 -2.30
N CYS B 68 23.39 22.83 -2.91
CA CYS B 68 24.64 22.42 -2.28
C CYS B 68 25.67 23.56 -2.11
N ASN B 69 25.27 24.80 -2.42
CA ASN B 69 26.15 25.97 -2.30
C ASN B 69 25.33 27.24 -1.92
N LEU B 70 25.99 28.20 -1.27
CA LEU B 70 25.31 29.42 -0.79
C LEU B 70 24.74 30.39 -1.82
N GLU B 71 25.23 30.34 -3.06
CA GLU B 71 24.74 31.26 -4.10
C GLU B 71 23.40 30.80 -4.65
N ASP B 72 23.26 29.50 -4.84
CA ASP B 72 21.99 28.95 -5.33
C ASP B 72 20.93 29.08 -4.25
N LEU B 73 21.36 28.98 -2.99
CA LEU B 73 20.47 29.08 -1.82
C LEU B 73 19.85 30.46 -1.77
N LYS B 74 20.69 31.49 -1.85
CA LYS B 74 20.21 32.89 -1.79
C LYS B 74 19.27 33.21 -2.94
N ALA B 75 19.59 32.72 -4.14
CA ALA B 75 18.73 32.96 -5.30
C ALA B 75 17.34 32.33 -5.06
N TYR B 76 17.35 31.14 -4.48
CA TYR B 76 16.10 30.43 -4.18
C TYR B 76 15.35 31.19 -3.11
N LYS B 77 16.05 31.61 -2.08
CA LYS B 77 15.44 32.39 -1.02
C LYS B 77 14.73 33.60 -1.63
N MET B 78 15.40 34.26 -2.58
CA MET B 78 14.83 35.43 -3.22
C MET B 78 13.56 35.04 -3.99
N ARG B 79 13.57 33.91 -4.69
CA ARG B 79 12.37 33.49 -5.43
C ARG B 79 11.19 33.25 -4.46
N ILE B 80 11.49 32.67 -3.31
CA ILE B 80 10.46 32.40 -2.31
C ILE B 80 9.89 33.72 -1.78
N LEU B 81 10.77 34.65 -1.42
CA LEU B 81 10.32 35.94 -0.90
C LEU B 81 9.42 36.67 -1.89
N LYS B 82 9.66 36.49 -3.19
CA LYS B 82 8.81 37.12 -4.22
C LYS B 82 7.47 36.45 -4.35
N ALA B 83 7.50 35.12 -4.34
CA ALA B 83 6.30 34.32 -4.52
C ALA B 83 5.34 34.37 -3.33
N CYS B 84 5.86 34.50 -2.12
N CYS B 84 5.86 34.50 -2.12
CA CYS B 84 5.03 34.53 -0.93
CA CYS B 84 5.01 34.49 -0.93
C CYS B 84 4.15 35.75 -0.86
C CYS B 84 4.16 35.74 -0.83
N LYS B 85 4.79 36.91 -1.02
CA LYS B 85 4.09 38.19 -0.95
C LYS B 85 3.09 38.17 0.21
N ASP B 86 3.59 37.88 1.41
CA ASP B 86 2.78 37.89 2.62
C ASP B 86 3.66 38.05 3.85
N GLU B 87 4.74 38.81 3.67
CA GLU B 87 5.61 39.15 4.78
C GLU B 87 4.56 39.60 5.77
N ASN B 88 4.65 39.25 7.05
CA ASN B 88 5.76 38.49 7.63
C ASN B 88 5.79 37.00 7.31
N PHE B 89 6.88 36.60 6.68
CA PHE B 89 7.13 35.21 6.43
C PHE B 89 8.60 35.04 6.22
N THR B 90 9.25 34.34 7.13
CA THR B 90 10.67 34.11 7.03
C THR B 90 10.95 32.67 6.61
N PRO B 91 11.49 32.48 5.41
CA PRO B 91 11.87 31.14 5.04
C PRO B 91 13.17 30.75 5.77
N LEU B 92 13.17 29.63 6.47
CA LEU B 92 14.36 29.17 7.18
C LEU B 92 15.05 28.23 6.20
N MET B 93 16.15 28.69 5.61
CA MET B 93 16.83 27.95 4.54
C MET B 93 17.75 26.82 4.96
N THR B 94 17.84 25.80 4.10
CA THR B 94 18.68 24.64 4.36
C THR B 94 19.45 24.20 3.12
N LEU B 95 20.51 23.42 3.36
CA LEU B 95 21.33 22.85 2.30
C LEU B 95 21.14 21.32 2.33
N PHE B 96 21.36 20.70 1.17
CA PHE B 96 21.31 19.27 0.99
C PHE B 96 22.62 18.75 1.56
N PHE B 97 22.56 17.71 2.38
CA PHE B 97 23.77 17.21 2.98
C PHE B 97 24.79 16.60 2.02
N LYS B 98 26.04 16.98 2.23
CA LYS B 98 27.18 16.41 1.51
C LYS B 98 28.37 16.65 2.46
N ASN B 99 29.55 16.15 2.10
CA ASN B 99 30.73 16.31 2.99
C ASN B 99 31.35 17.71 2.99
N TYR B 100 30.69 18.65 3.67
CA TYR B 100 31.19 20.03 3.76
C TYR B 100 32.27 20.13 4.81
N ASP B 101 33.22 21.04 4.59
CA ASP B 101 34.32 21.24 5.54
C ASP B 101 34.05 22.40 6.51
N GLU B 102 34.80 22.43 7.62
CA GLU B 102 34.65 23.42 8.69
C GLU B 102 34.64 24.86 8.16
N LYS B 103 35.59 25.21 7.31
CA LYS B 103 35.62 26.58 6.77
C LYS B 103 34.30 26.91 6.09
N PHE B 104 33.78 25.99 5.27
CA PHE B 104 32.52 26.23 4.54
C PHE B 104 31.35 26.44 5.49
N LEU B 105 31.19 25.54 6.45
CA LEU B 105 30.09 25.64 7.40
C LEU B 105 30.17 26.94 8.21
N TYR B 106 31.39 27.32 8.61
CA TYR B 106 31.58 28.58 9.33
C TYR B 106 31.04 29.74 8.49
N SER B 107 31.26 29.64 7.19
CA SER B 107 30.81 30.64 6.23
C SER B 107 29.28 30.71 6.04
N ALA B 108 28.62 29.57 6.19
CA ALA B 108 27.19 29.49 5.96
C ALA B 108 26.32 29.56 7.20
N LYS B 109 26.88 29.33 8.38
CA LYS B 109 26.07 29.28 9.63
C LYS B 109 25.10 30.44 9.79
N ASP B 110 25.48 31.64 9.35
CA ASP B 110 24.60 32.79 9.48
C ASP B 110 23.55 32.84 8.37
N GLU B 111 23.68 31.98 7.37
CA GLU B 111 22.75 31.94 6.23
C GLU B 111 21.78 30.75 6.22
N ILE B 112 22.07 29.71 7.00
CA ILE B 112 21.23 28.53 6.99
C ILE B 112 20.70 28.19 8.38
N PHE B 113 19.55 27.52 8.39
CA PHE B 113 18.91 27.02 9.59
C PHE B 113 19.42 25.63 9.89
N GLY B 114 19.68 24.86 8.84
CA GLY B 114 20.18 23.49 9.02
C GLY B 114 20.61 22.82 7.74
N ILE B 115 21.06 21.57 7.87
CA ILE B 115 21.49 20.75 6.75
C ILE B 115 20.65 19.48 6.73
N KCX B 116 19.99 19.21 5.61
CA KCX B 116 19.09 18.05 5.49
CB KCX B 116 17.88 18.45 4.65
CG KCX B 116 16.86 17.34 4.35
CD KCX B 116 16.12 16.87 5.61
CE KCX B 116 14.99 15.89 5.27
NZ KCX B 116 13.97 16.47 4.35
C KCX B 116 19.75 16.84 4.86
O KCX B 116 20.22 16.91 3.74
CX KCX B 116 12.94 15.75 3.88
OQ1 KCX B 116 12.80 14.57 4.23
OQ2 KCX B 116 12.10 16.27 3.12
N LEU B 117 19.77 15.73 5.59
CA LEU B 117 20.36 14.51 5.07
C LEU B 117 19.30 13.60 4.47
N TYR B 118 19.52 13.22 3.21
CA TYR B 118 18.68 12.24 2.52
C TYR B 118 19.56 11.02 2.37
N PRO B 119 19.36 9.99 3.19
CA PRO B 119 20.17 8.79 3.02
C PRO B 119 19.81 8.12 1.70
N ALA B 120 20.76 7.41 1.10
CA ALA B 120 20.48 6.75 -0.19
C ALA B 120 21.22 5.43 -0.25
N GLY B 121 20.45 4.33 -0.38
CA GLY B 121 21.01 2.98 -0.50
C GLY B 121 21.49 2.35 0.80
N ILE B 122 20.53 1.96 1.65
CA ILE B 122 20.84 1.33 2.94
C ILE B 122 20.09 0.00 3.11
N THR B 123 20.87 -1.07 3.28
CA THR B 123 20.34 -2.43 3.47
C THR B 123 20.62 -2.86 4.92
N THR B 124 19.71 -3.65 5.49
CA THR B 124 19.86 -4.15 6.86
C THR B 124 19.84 -5.69 6.83
N ASN B 125 20.72 -6.31 7.61
CA ASN B 125 20.80 -7.78 7.69
C ASN B 125 20.36 -8.29 9.08
N SER B 131 23.75 -2.68 9.28
CA SER B 131 23.41 -2.23 7.92
C SER B 131 24.68 -1.85 7.12
N SER B 132 24.48 -1.30 5.93
CA SER B 132 25.58 -0.90 5.04
C SER B 132 25.83 0.62 5.06
N PHE B 133 25.50 1.27 6.17
CA PHE B 133 25.67 2.72 6.31
C PHE B 133 26.97 3.04 7.05
N ASP B 134 27.85 3.80 6.40
CA ASP B 134 29.13 4.20 6.98
C ASP B 134 29.07 5.66 7.34
N ILE B 135 29.15 5.95 8.64
CA ILE B 135 29.08 7.31 9.12
C ILE B 135 30.41 8.04 8.98
N GLU B 136 31.46 7.33 8.54
CA GLU B 136 32.78 7.92 8.37
C GLU B 136 32.80 9.07 7.35
N TYR B 137 31.99 8.95 6.31
CA TYR B 137 31.88 10.00 5.30
C TYR B 137 31.30 11.26 5.92
N LEU B 138 30.44 11.05 6.91
CA LEU B 138 29.76 12.14 7.58
C LEU B 138 30.56 12.80 8.71
N LYS B 139 31.37 12.01 9.43
CA LYS B 139 32.10 12.47 10.62
C LYS B 139 32.71 13.87 10.57
N PRO B 140 33.58 14.18 9.59
CA PRO B 140 34.15 15.54 9.63
C PRO B 140 33.09 16.62 9.65
N THR B 141 32.07 16.51 8.80
CA THR B 141 31.03 17.52 8.73
C THR B 141 30.18 17.55 10.00
N LEU B 142 29.75 16.39 10.48
CA LEU B 142 28.95 16.33 11.68
C LEU B 142 29.71 16.93 12.90
N GLU B 143 31.02 16.73 12.92
CA GLU B 143 31.84 17.26 14.01
C GLU B 143 31.81 18.79 13.92
N ALA B 144 31.93 19.31 12.71
CA ALA B 144 31.90 20.74 12.50
C ALA B 144 30.54 21.30 12.90
N MET B 145 29.49 20.65 12.39
CA MET B 145 28.12 21.07 12.66
C MET B 145 27.85 21.15 14.17
N SER B 146 28.35 20.16 14.89
CA SER B 146 28.18 20.10 16.34
C SER B 146 28.77 21.38 16.97
N ASP B 147 30.05 21.62 16.67
CA ASP B 147 30.78 22.78 17.18
C ASP B 147 30.17 24.11 16.78
N LEU B 148 29.62 24.19 15.57
CA LEU B 148 29.00 25.44 15.09
C LEU B 148 27.49 25.55 15.42
N ASN B 149 26.99 24.62 16.24
CA ASN B 149 25.57 24.58 16.63
C ASN B 149 24.62 24.61 15.43
N ILE B 150 24.92 23.79 14.43
CA ILE B 150 24.08 23.67 13.23
C ILE B 150 23.41 22.32 13.34
N PRO B 151 22.08 22.33 13.23
CA PRO B 151 21.29 21.11 13.34
C PRO B 151 21.30 20.24 12.07
N LEU B 152 21.27 18.93 12.30
CA LEU B 152 21.19 17.93 11.24
C LEU B 152 19.72 17.44 11.11
N LEU B 153 19.11 17.70 9.96
CA LEU B 153 17.74 17.25 9.71
C LEU B 153 17.85 15.97 8.86
N VAL B 154 17.19 14.89 9.26
CA VAL B 154 17.32 13.61 8.55
C VAL B 154 16.01 12.98 8.04
N HIS B 155 16.03 12.50 6.80
CA HIS B 155 14.90 11.75 6.26
C HIS B 155 15.24 10.33 6.67
N GLY B 156 14.78 9.90 7.85
CA GLY B 156 15.12 8.60 8.42
C GLY B 156 14.51 7.32 7.87
N GLU B 157 14.91 6.93 6.66
CA GLU B 157 14.46 5.69 6.06
C GLU B 157 15.58 4.93 5.39
N THR B 158 15.62 3.62 5.59
CA THR B 158 16.59 2.76 4.93
C THR B 158 15.96 2.36 3.59
N ASN B 159 16.58 1.40 2.88
CA ASN B 159 16.01 0.87 1.64
C ASN B 159 15.43 -0.54 1.79
N ASP B 160 15.12 -0.91 3.02
CA ASP B 160 14.56 -2.23 3.30
C ASP B 160 13.09 -2.28 2.91
N PHE B 161 12.41 -3.33 3.35
CA PHE B 161 10.99 -3.48 3.10
C PHE B 161 10.25 -2.20 3.60
N VAL B 162 9.40 -1.65 2.73
CA VAL B 162 8.72 -0.37 2.98
C VAL B 162 8.15 -0.16 4.40
N MET B 163 7.59 -1.18 5.04
CA MET B 163 7.04 -1.00 6.36
C MET B 163 8.11 -0.90 7.44
N ASP B 164 9.33 -1.36 7.13
CA ASP B 164 10.42 -1.39 8.10
C ASP B 164 11.49 -0.33 7.97
N ARG B 165 11.44 0.46 6.90
CA ARG B 165 12.46 1.46 6.59
C ARG B 165 12.74 2.43 7.70
N GLU B 166 11.71 2.91 8.40
CA GLU B 166 11.95 3.86 9.47
C GLU B 166 12.46 3.15 10.71
N SER B 167 11.80 2.07 11.11
CA SER B 167 12.24 1.37 12.32
C SER B 167 13.67 0.85 12.25
N ASN B 168 14.11 0.45 11.06
CA ASN B 168 15.46 -0.04 10.88
C ASN B 168 16.48 1.08 10.87
N PHE B 169 16.00 2.32 10.80
CA PHE B 169 16.89 3.47 10.80
C PHE B 169 17.14 3.91 12.26
N ALA B 170 16.36 3.35 13.19
CA ALA B 170 16.47 3.71 14.60
C ALA B 170 17.92 3.55 15.06
N LYS B 171 18.52 2.42 14.71
CA LYS B 171 19.89 2.12 15.12
C LYS B 171 20.86 3.07 14.50
N ILE B 172 20.48 3.69 13.40
CA ILE B 172 21.35 4.68 12.78
C ILE B 172 21.19 5.96 13.56
N TYR B 173 19.97 6.28 14.00
CA TYR B 173 19.79 7.46 14.83
C TYR B 173 20.54 7.29 16.15
N GLU B 174 20.44 6.11 16.79
CA GLU B 174 21.20 5.86 18.03
C GLU B 174 22.68 6.09 17.89
N LYS B 175 23.23 5.49 16.84
CA LYS B 175 24.66 5.58 16.57
C LYS B 175 25.05 7.04 16.43
N LEU B 176 24.31 7.81 15.65
CA LEU B 176 24.64 9.22 15.48
C LEU B 176 24.55 9.98 16.81
N ALA B 177 23.54 9.68 17.61
CA ALA B 177 23.34 10.36 18.89
C ALA B 177 24.51 10.13 19.87
N LYS B 178 25.01 8.89 19.91
CA LYS B 178 26.14 8.50 20.75
C LYS B 178 27.46 9.08 20.24
N HIS B 179 27.71 8.96 18.93
CA HIS B 179 28.93 9.48 18.32
C HIS B 179 28.98 10.99 18.34
N PHE B 180 27.83 11.64 18.37
CA PHE B 180 27.81 13.11 18.39
C PHE B 180 26.79 13.61 19.40
N PRO B 181 27.08 13.41 20.70
CA PRO B 181 26.15 13.77 21.77
C PRO B 181 25.89 15.25 21.91
N ARG B 182 26.63 16.09 21.19
CA ARG B 182 26.38 17.52 21.23
C ARG B 182 25.75 18.02 19.93
N LEU B 183 25.47 17.12 18.99
CA LEU B 183 24.83 17.52 17.71
C LEU B 183 23.30 17.43 17.83
N LYS B 184 22.60 18.46 17.35
CA LYS B 184 21.13 18.40 17.33
C LYS B 184 20.69 17.62 16.09
N ILE B 185 20.05 16.48 16.33
CA ILE B 185 19.59 15.56 15.30
C ILE B 185 18.07 15.55 15.28
N VAL B 186 17.49 16.16 14.24
CA VAL B 186 16.04 16.19 14.12
C VAL B 186 15.57 15.03 13.24
N MET B 187 14.85 14.08 13.85
CA MET B 187 14.28 12.96 13.14
C MET B 187 13.02 13.48 12.44
N GLU B 188 13.10 13.78 11.14
CA GLU B 188 11.95 14.32 10.40
C GLU B 188 10.80 13.33 10.20
N HIS B 189 9.60 13.89 10.19
CA HIS B 189 8.38 13.16 10.01
C HIS B 189 8.44 11.76 10.50
N ILE B 190 8.50 11.61 11.81
CA ILE B 190 8.51 10.28 12.38
C ILE B 190 7.11 9.73 12.19
N THR B 191 7.04 8.40 12.02
CA THR B 191 5.79 7.72 11.73
C THR B 191 5.65 6.41 12.49
N THR B 192 6.58 6.17 13.41
CA THR B 192 6.61 4.91 14.18
C THR B 192 6.75 5.10 15.68
N LYS B 193 6.16 4.18 16.40
CA LYS B 193 6.27 4.13 17.84
C LYS B 193 7.74 3.96 18.21
N THR B 194 8.46 3.19 17.40
CA THR B 194 9.88 2.94 17.63
C THR B 194 10.63 4.25 17.82
N LEU B 195 10.47 5.18 16.89
CA LEU B 195 11.13 6.47 16.99
C LEU B 195 10.48 7.36 18.03
N CYS B 196 9.17 7.21 18.26
CA CYS B 196 8.51 7.98 19.32
C CYS B 196 9.20 7.63 20.65
N GLU B 197 9.55 6.36 20.83
CA GLU B 197 10.24 5.94 22.06
C GLU B 197 11.72 6.29 22.08
N LEU B 198 12.39 6.22 20.92
CA LEU B 198 13.80 6.56 20.83
C LEU B 198 14.01 8.02 21.14
N LEU B 199 13.07 8.85 20.73
CA LEU B 199 13.12 10.29 20.96
C LEU B 199 13.43 10.60 22.43
N LYS B 200 12.84 9.84 23.34
CA LYS B 200 13.05 10.09 24.76
C LYS B 200 14.32 9.48 25.36
N ASP B 201 15.07 8.70 24.59
CA ASP B 201 16.29 8.07 25.12
C ASP B 201 17.56 8.93 24.98
N TYR B 202 17.54 9.97 24.16
CA TYR B 202 18.71 10.84 23.99
C TYR B 202 18.31 12.29 23.96
N GLU B 203 19.01 13.11 24.74
CA GLU B 203 18.69 14.54 24.85
C GLU B 203 18.81 15.29 23.55
N ASN B 204 19.74 14.91 22.69
CA ASN B 204 19.96 15.65 21.44
C ASN B 204 19.16 15.14 20.26
N LEU B 205 18.21 14.23 20.52
CA LEU B 205 17.29 13.75 19.49
C LEU B 205 16.00 14.58 19.56
N TYR B 206 15.52 15.03 18.40
CA TYR B 206 14.26 15.78 18.31
C TYR B 206 13.43 15.21 17.14
N ALA B 207 12.21 15.68 16.94
CA ALA B 207 11.39 15.18 15.83
C ALA B 207 10.34 16.15 15.37
N THR B 208 9.95 16.01 14.10
CA THR B 208 8.87 16.77 13.52
C THR B 208 7.79 15.71 13.21
N ILE B 209 6.51 16.10 13.26
CA ILE B 209 5.38 15.24 12.96
C ILE B 209 4.47 15.98 11.97
N THR B 210 3.97 15.28 10.96
CA THR B 210 3.12 15.89 9.92
C THR B 210 1.69 15.93 10.38
N LEU B 211 0.83 16.58 9.60
CA LEU B 211 -0.58 16.59 9.91
C LEU B 211 -1.14 15.20 9.61
N HIS B 212 -0.79 14.66 8.44
CA HIS B 212 -1.38 13.39 8.01
C HIS B 212 -1.03 12.18 8.85
N HIS B 213 0.19 12.11 9.38
CA HIS B 213 0.53 10.97 10.18
C HIS B 213 -0.19 10.91 11.52
N LEU B 214 -0.86 11.99 11.91
CA LEU B 214 -1.63 11.99 13.14
C LEU B 214 -3.05 11.49 12.86
N ILE B 215 -3.41 11.40 11.57
CA ILE B 215 -4.74 11.00 11.17
C ILE B 215 -4.83 9.66 10.40
N ILE B 216 -3.88 9.37 9.54
CA ILE B 216 -4.00 8.12 8.78
C ILE B 216 -3.10 6.97 9.18
N THR B 217 -3.47 5.79 8.69
CA THR B 217 -2.71 4.57 8.85
C THR B 217 -2.70 3.90 7.46
N LEU B 218 -1.89 2.86 7.33
CA LEU B 218 -1.81 2.12 6.08
C LEU B 218 -3.20 1.72 5.53
N ASP B 219 -4.13 1.35 6.42
CA ASP B 219 -5.47 0.95 6.02
C ASP B 219 -6.20 1.99 5.18
N ASP B 220 -5.88 3.26 5.43
CA ASP B 220 -6.49 4.34 4.70
C ASP B 220 -5.90 4.36 3.30
N VAL B 221 -4.67 3.88 3.16
CA VAL B 221 -3.99 3.96 1.89
C VAL B 221 -4.26 2.78 0.96
N ILE B 222 -4.35 1.58 1.53
CA ILE B 222 -4.58 0.36 0.74
C ILE B 222 -5.48 -0.68 1.42
N GLY B 223 -6.13 -0.31 2.52
CA GLY B 223 -7.00 -1.23 3.25
C GLY B 223 -8.26 -1.54 2.48
N GLY B 224 -8.84 -0.51 1.85
CA GLY B 224 -10.05 -0.67 1.01
C GLY B 224 -9.63 -0.50 -0.43
N LYS B 225 -10.05 0.58 -1.08
CA LYS B 225 -9.58 0.87 -2.42
C LYS B 225 -8.27 1.61 -2.26
N MET B 226 -7.40 1.49 -3.24
CA MET B 226 -6.15 2.18 -3.15
C MET B 226 -6.45 3.67 -3.26
N ASN B 227 -5.87 4.48 -2.35
CA ASN B 227 -6.08 5.96 -2.36
C ASN B 227 -4.72 6.65 -2.50
N PRO B 228 -4.32 6.98 -3.74
CA PRO B 228 -3.05 7.64 -4.05
C PRO B 228 -2.86 8.98 -3.38
N HIS B 229 -3.94 9.67 -3.10
CA HIS B 229 -3.84 10.98 -2.47
C HIS B 229 -3.36 10.89 -1.01
N LEU B 230 -3.39 9.70 -0.44
CA LEU B 230 -2.91 9.46 0.92
C LEU B 230 -1.55 8.75 0.90
N PHE B 231 -0.95 8.63 -0.28
CA PHE B 231 0.34 7.96 -0.42
C PHE B 231 1.49 8.96 -0.21
N CYS B 232 2.42 8.61 0.69
CA CYS B 232 3.58 9.44 0.99
C CYS B 232 4.69 8.60 1.60
N LYS B 233 5.87 9.19 1.70
CA LYS B 233 7.00 8.56 2.34
C LYS B 233 7.41 9.45 3.49
N PRO B 234 7.61 8.86 4.69
CA PRO B 234 7.44 7.43 4.95
C PRO B 234 5.98 7.05 4.93
N ILE B 235 5.68 5.83 4.53
CA ILE B 235 4.32 5.35 4.47
C ILE B 235 3.64 5.38 5.86
N ALA B 236 2.33 5.64 5.88
CA ALA B 236 1.52 5.61 7.09
C ALA B 236 1.60 4.18 7.62
N LYS B 237 1.73 3.99 8.92
CA LYS B 237 1.94 2.64 9.45
C LYS B 237 0.73 2.04 10.18
N ARG B 238 0.93 1.54 11.40
CA ARG B 238 -0.15 0.90 12.18
C ARG B 238 -0.85 1.83 13.15
N TYR B 239 -1.96 1.35 13.70
N TYR B 239 -1.96 1.35 13.70
CA TYR B 239 -2.76 2.12 14.65
CA TYR B 239 -2.75 2.12 14.68
C TYR B 239 -1.93 2.47 15.91
C TYR B 239 -1.92 2.48 15.90
N GLU B 240 -1.11 1.54 16.36
CA GLU B 240 -0.27 1.76 17.52
C GLU B 240 0.74 2.87 17.27
N ASP B 241 1.20 2.97 16.03
CA ASP B 241 2.12 3.99 15.62
C ASP B 241 1.40 5.32 15.63
N LYS B 242 0.22 5.36 15.00
CA LYS B 242 -0.53 6.60 14.95
C LYS B 242 -0.82 7.15 16.36
N GLU B 243 -1.20 6.26 17.28
N GLU B 243 -1.17 6.26 17.28
CA GLU B 243 -1.50 6.64 18.66
CA GLU B 243 -1.47 6.66 18.65
C GLU B 243 -0.26 7.19 19.37
C GLU B 243 -0.24 7.24 19.31
N ALA B 244 0.90 6.57 19.13
CA ALA B 244 2.14 7.05 19.72
C ALA B 244 2.44 8.47 19.22
N LEU B 245 2.17 8.74 17.93
CA LEU B 245 2.42 10.06 17.38
C LEU B 245 1.46 11.08 17.97
N CYS B 246 0.18 10.72 18.03
CA CYS B 246 -0.83 11.58 18.62
C CYS B 246 -0.54 11.89 20.12
N GLU B 247 -0.04 10.92 20.87
CA GLU B 247 0.23 11.11 22.28
C GLU B 247 1.31 12.16 22.47
N LEU B 248 2.31 12.18 21.60
CA LEU B 248 3.37 13.16 21.72
C LEU B 248 2.88 14.54 21.32
N ALA B 249 2.18 14.62 20.21
CA ALA B 249 1.71 15.93 19.74
C ALA B 249 0.64 16.51 20.64
N PHE B 250 -0.32 15.68 21.05
CA PHE B 250 -1.43 16.18 21.90
C PHE B 250 -0.99 16.59 23.30
N SER B 251 0.06 15.95 23.80
CA SER B 251 0.62 16.26 25.11
C SER B 251 1.58 17.43 25.02
N GLY B 252 1.87 17.87 23.79
CA GLY B 252 2.83 18.98 23.57
C GLY B 252 4.28 18.70 23.98
N TYR B 253 4.66 17.43 24.05
CA TYR B 253 6.03 17.01 24.44
C TYR B 253 7.08 17.94 23.88
N GLU B 254 7.95 18.44 24.76
CA GLU B 254 8.93 19.49 24.40
C GLU B 254 9.79 19.26 23.16
N LYS B 255 10.14 18.02 22.86
CA LYS B 255 11.02 17.77 21.74
C LYS B 255 10.35 17.54 20.36
N VAL B 256 9.01 17.52 20.27
CA VAL B 256 8.36 17.38 18.97
C VAL B 256 7.84 18.70 18.45
N MET B 257 8.03 18.93 17.16
CA MET B 257 7.60 20.13 16.50
C MET B 257 6.78 19.76 15.29
N PHE B 258 5.85 20.62 14.89
CA PHE B 258 5.06 20.37 13.70
C PHE B 258 5.88 20.66 12.45
N GLY B 259 5.86 19.73 11.51
CA GLY B 259 6.56 19.85 10.21
C GLY B 259 5.61 19.16 9.26
N SER B 260 5.00 19.90 8.35
CA SER B 260 3.96 19.36 7.51
C SER B 260 4.42 18.36 6.50
N ASP B 261 5.59 18.60 5.96
CA ASP B 261 6.11 17.84 4.85
C ASP B 261 5.10 18.02 3.70
N SER B 262 4.48 19.20 3.63
CA SER B 262 3.54 19.48 2.55
C SER B 262 4.39 19.38 1.29
N ALA B 263 4.02 18.47 0.42
CA ALA B 263 4.81 18.17 -0.77
C ALA B 263 3.89 18.01 -1.95
N PRO B 264 3.66 19.08 -2.70
CA PRO B 264 2.77 18.96 -3.82
C PRO B 264 3.37 18.30 -5.04
N HIS B 265 2.49 17.81 -5.89
CA HIS B 265 2.83 17.23 -7.18
C HIS B 265 1.73 17.61 -8.15
N PRO B 266 2.12 17.95 -9.40
CA PRO B 266 1.11 18.35 -10.37
C PRO B 266 0.13 17.20 -10.67
N LYS B 267 -1.16 17.50 -10.66
CA LYS B 267 -2.19 16.49 -10.94
C LYS B 267 -1.99 15.96 -12.37
N ASP B 268 -2.07 14.64 -12.54
CA ASP B 268 -1.87 14.01 -13.86
C ASP B 268 -3.02 14.37 -14.82
N GLY B 274 -2.04 8.79 -10.96
CA GLY B 274 -2.06 8.46 -9.53
C GLY B 274 -0.97 7.48 -9.09
N CYS B 275 0.19 8.03 -8.71
CA CYS B 275 1.33 7.20 -8.26
C CYS B 275 2.46 7.94 -7.47
N ALA B 276 2.67 9.24 -7.71
CA ALA B 276 3.75 9.99 -6.99
C ALA B 276 3.47 10.16 -5.47
N ALA B 277 4.53 10.07 -4.66
CA ALA B 277 4.40 10.18 -3.21
C ALA B 277 4.36 11.63 -2.76
N GLY B 278 3.54 11.89 -1.75
CA GLY B 278 3.41 13.24 -1.20
C GLY B 278 1.98 13.69 -1.03
N VAL B 279 1.76 14.48 0.04
CA VAL B 279 0.48 15.04 0.39
C VAL B 279 0.62 16.57 0.44
N PHE B 280 -0.28 17.31 -0.21
CA PHE B 280 -0.23 18.79 -0.17
C PHE B 280 -1.21 19.27 0.87
N SER B 281 -0.74 19.43 2.11
CA SER B 281 -1.62 19.78 3.22
C SER B 281 -1.63 21.26 3.58
N ALA B 282 -0.72 22.04 2.98
CA ALA B 282 -0.54 23.43 3.31
C ALA B 282 -1.79 24.23 3.67
N PRO B 283 -2.72 24.41 2.72
CA PRO B 283 -3.88 25.27 2.99
C PRO B 283 -4.88 24.77 4.04
N VAL B 284 -4.76 23.53 4.48
CA VAL B 284 -5.73 23.03 5.46
C VAL B 284 -5.12 22.74 6.81
N ILE B 285 -3.81 23.01 6.97
CA ILE B 285 -3.13 22.67 8.22
C ILE B 285 -3.73 23.21 9.52
N LEU B 286 -3.87 24.52 9.61
CA LEU B 286 -4.35 25.13 10.84
C LEU B 286 -5.78 24.72 11.21
N PRO B 287 -6.71 24.78 10.24
CA PRO B 287 -8.05 24.34 10.54
C PRO B 287 -8.10 22.90 11.00
N VAL B 288 -7.41 22.01 10.32
CA VAL B 288 -7.47 20.59 10.71
C VAL B 288 -6.81 20.38 12.07
N LEU B 289 -5.70 21.07 12.34
CA LEU B 289 -5.03 20.93 13.68
C LEU B 289 -5.93 21.49 14.79
N ALA B 290 -6.59 22.61 14.48
CA ALA B 290 -7.52 23.26 15.40
C ALA B 290 -8.54 22.27 15.89
N GLU B 291 -9.30 21.68 14.95
CA GLU B 291 -10.32 20.66 15.25
C GLU B 291 -9.71 19.48 16.01
N LEU B 292 -8.58 18.98 15.52
CA LEU B 292 -7.90 17.84 16.12
C LEU B 292 -7.53 18.07 17.60
N PHE B 293 -6.93 19.22 17.91
CA PHE B 293 -6.53 19.52 19.28
C PHE B 293 -7.74 19.90 20.19
N LYS B 294 -8.78 20.51 19.63
CA LYS B 294 -9.95 20.80 20.44
C LYS B 294 -10.59 19.50 20.91
N GLN B 295 -10.65 18.52 20.01
N GLN B 295 -10.66 18.52 20.01
CA GLN B 295 -11.24 17.21 20.32
CA GLN B 295 -11.25 17.23 20.33
C GLN B 295 -10.36 16.36 21.24
C GLN B 295 -10.36 16.37 21.23
N ASN B 296 -9.05 16.49 21.09
CA ASN B 296 -8.12 15.66 21.82
C ASN B 296 -7.09 16.31 22.72
N SER B 297 -7.06 17.65 22.80
CA SER B 297 -5.99 18.32 23.55
C SER B 297 -6.40 19.73 23.94
N SER B 298 -5.47 20.67 23.89
CA SER B 298 -5.78 22.06 24.29
C SER B 298 -5.15 23.06 23.36
N GLU B 299 -5.62 24.29 23.42
CA GLU B 299 -5.07 25.40 22.62
C GLU B 299 -3.57 25.59 23.00
N GLU B 300 -3.29 25.50 24.29
CA GLU B 300 -1.95 25.67 24.81
C GLU B 300 -1.00 24.60 24.25
N ASN B 301 -1.43 23.33 24.21
CA ASN B 301 -0.58 22.30 23.65
C ASN B 301 -0.43 22.48 22.13
N LEU B 302 -1.45 22.98 21.45
CA LEU B 302 -1.32 23.21 20.02
C LEU B 302 -0.26 24.28 19.80
N GLN B 303 -0.33 25.31 20.65
CA GLN B 303 0.61 26.45 20.64
C GLN B 303 2.04 25.98 20.81
N LYS B 304 2.24 24.93 21.61
CA LYS B 304 3.57 24.36 21.85
C LYS B 304 4.08 23.58 20.63
N PHE B 305 3.22 22.69 20.14
CA PHE B 305 3.49 21.84 18.99
C PHE B 305 3.79 22.67 17.74
N LEU B 306 3.04 23.73 17.54
CA LEU B 306 3.23 24.59 16.36
C LEU B 306 4.24 25.68 16.49
N SER B 307 4.64 26.05 17.71
CA SER B 307 5.58 27.17 17.83
C SER B 307 6.50 27.14 19.05
N ASP B 308 5.93 27.17 20.25
CA ASP B 308 6.74 27.26 21.47
C ASP B 308 7.85 26.24 21.56
N ASN B 309 7.58 24.98 21.22
CA ASN B 309 8.63 23.96 21.27
C ASN B 309 9.83 24.37 20.42
N THR B 310 9.57 24.70 19.15
CA THR B 310 10.64 25.11 18.25
C THR B 310 11.40 26.30 18.85
N CYS B 311 10.66 27.34 19.22
CA CYS B 311 11.27 28.53 19.82
C CYS B 311 12.13 28.22 21.03
N LYS B 312 11.78 27.22 21.82
CA LYS B 312 12.53 26.87 23.01
C LYS B 312 13.85 26.12 22.69
N ILE B 313 13.79 25.28 21.66
CA ILE B 313 14.92 24.47 21.20
C ILE B 313 16.01 25.29 20.48
N TYR B 314 15.61 26.20 19.61
CA TYR B 314 16.54 27.03 18.84
C TYR B 314 16.62 28.49 19.29
N ASP B 315 15.96 28.82 20.41
CA ASP B 315 15.94 30.19 20.93
C ASP B 315 15.43 31.23 19.98
N LEU B 316 14.47 30.89 19.12
CA LEU B 316 13.93 31.89 18.18
C LEU B 316 13.15 32.98 18.91
N LYS B 317 13.14 34.15 18.30
CA LYS B 317 12.39 35.31 18.78
C LYS B 317 11.92 36.05 17.54
N PHE B 318 10.88 36.87 17.68
CA PHE B 318 10.31 37.58 16.53
C PHE B 318 10.12 39.08 16.78
N LYS B 319 10.31 39.89 15.74
CA LYS B 319 10.10 41.32 15.85
C LYS B 319 8.61 41.65 15.88
N GLU B 320 7.90 41.20 14.87
CA GLU B 320 6.48 41.46 14.75
C GLU B 320 5.74 40.11 14.87
N ASP B 321 5.04 39.90 15.97
CA ASP B 321 4.28 38.66 16.16
C ASP B 321 3.21 38.49 15.09
N LYS B 322 2.98 37.24 14.68
CA LYS B 322 1.95 36.95 13.72
C LYS B 322 0.89 36.15 14.47
N ILE B 323 -0.29 36.74 14.58
CA ILE B 323 -1.40 36.15 15.31
C ILE B 323 -2.44 35.72 14.33
N LEU B 324 -2.85 34.47 14.42
CA LEU B 324 -3.87 33.94 13.51
C LEU B 324 -5.05 33.56 14.36
N THR B 325 -6.21 33.97 13.90
CA THR B 325 -7.44 33.73 14.63
C THR B 325 -8.32 32.87 13.77
N LEU B 326 -8.84 31.81 14.35
CA LEU B 326 -9.71 30.88 13.64
C LEU B 326 -11.18 31.10 13.99
N GLU B 327 -12.02 31.17 12.97
CA GLU B 327 -13.43 31.35 13.23
C GLU B 327 -14.19 30.04 12.98
N GLU B 328 -15.17 29.78 13.82
CA GLU B 328 -15.98 28.59 13.70
C GLU B 328 -17.03 28.86 12.61
N LYS B 329 -16.62 28.66 11.36
CA LYS B 329 -17.46 28.87 10.18
C LYS B 329 -17.09 27.86 9.08
N GLU B 330 -17.94 26.86 8.87
CA GLU B 330 -17.73 25.82 7.85
C GLU B 330 -17.34 26.33 6.46
N TRP B 331 -16.54 25.52 5.77
CA TRP B 331 -16.11 25.77 4.39
C TRP B 331 -15.69 24.45 3.76
N GLN B 332 -15.79 24.35 2.45
CA GLN B 332 -15.44 23.11 1.78
C GLN B 332 -14.11 23.31 1.08
N VAL B 333 -13.18 22.39 1.34
CA VAL B 333 -11.87 22.47 0.73
C VAL B 333 -12.06 22.26 -0.77
N PRO B 334 -11.55 23.18 -1.59
CA PRO B 334 -11.73 22.98 -3.02
C PRO B 334 -11.05 21.71 -3.52
N ASN B 335 -11.53 21.19 -4.64
CA ASN B 335 -11.00 19.97 -5.22
C ASN B 335 -9.56 20.17 -5.69
N VAL B 336 -9.18 21.42 -5.95
CA VAL B 336 -7.82 21.73 -6.35
C VAL B 336 -7.43 23.19 -6.07
N TYR B 337 -6.14 23.43 -5.93
CA TYR B 337 -5.61 24.78 -5.81
C TYR B 337 -4.97 24.89 -7.17
N GLU B 338 -5.39 25.90 -7.92
CA GLU B 338 -5.00 26.01 -9.31
C GLU B 338 -4.41 27.34 -9.75
N ASP B 339 -3.58 27.21 -10.77
CA ASP B 339 -2.83 28.28 -11.39
C ASP B 339 -2.98 28.04 -12.88
N LYS B 340 -2.41 28.89 -13.73
CA LYS B 340 -2.47 28.64 -15.17
C LYS B 340 -1.58 27.45 -15.52
N TYR B 341 -0.42 27.38 -14.85
CA TYR B 341 0.59 26.38 -15.13
C TYR B 341 0.48 25.08 -14.33
N ASN B 342 -0.27 25.08 -13.23
CA ASN B 342 -0.39 23.87 -12.40
C ASN B 342 -1.68 23.73 -11.62
N GLN B 343 -2.04 22.47 -11.39
CA GLN B 343 -3.22 22.11 -10.67
C GLN B 343 -2.75 21.11 -9.59
N VAL B 344 -3.07 21.40 -8.32
CA VAL B 344 -2.66 20.56 -7.21
C VAL B 344 -3.86 20.14 -6.39
N VAL B 345 -3.98 18.84 -6.08
CA VAL B 345 -5.08 18.35 -5.25
C VAL B 345 -4.65 18.41 -3.79
N PRO B 346 -5.43 19.08 -2.95
CA PRO B 346 -5.02 19.19 -1.57
C PRO B 346 -5.56 18.11 -0.67
N TYR B 347 -4.90 17.96 0.46
CA TYR B 347 -5.32 17.02 1.48
C TYR B 347 -6.69 17.50 1.89
N MET B 348 -7.59 16.57 2.16
CA MET B 348 -8.95 16.90 2.56
C MET B 348 -9.78 17.53 1.43
N ALA B 349 -9.26 17.52 0.20
CA ALA B 349 -10.02 18.03 -0.94
C ALA B 349 -11.48 17.55 -0.87
N GLY B 350 -12.42 18.47 -1.09
CA GLY B 350 -13.84 18.15 -1.07
C GLY B 350 -14.44 17.97 0.33
N GLU B 351 -13.62 17.98 1.38
CA GLU B 351 -14.18 17.81 2.73
C GLU B 351 -14.64 19.14 3.28
N ILE B 352 -15.47 19.06 4.31
CA ILE B 352 -15.99 20.26 4.98
C ILE B 352 -15.31 20.44 6.32
N LEU B 353 -14.62 21.55 6.50
CA LEU B 353 -13.91 21.82 7.75
C LEU B 353 -14.70 22.78 8.63
N LYS B 354 -14.55 22.61 9.94
CA LYS B 354 -15.29 23.38 10.93
C LYS B 354 -14.72 24.77 11.21
N PHE B 355 -13.41 24.93 11.08
CA PHE B 355 -12.74 26.21 11.35
C PHE B 355 -12.14 26.82 10.10
N GLN B 356 -11.96 28.14 10.14
CA GLN B 356 -11.44 28.87 9.00
C GLN B 356 -10.72 30.16 9.38
N LEU B 357 -9.69 30.50 8.63
CA LEU B 357 -8.98 31.77 8.82
C LEU B 357 -9.46 32.72 7.74
N LYS B 358 -9.50 34.01 8.08
CA LYS B 358 -9.86 35.02 7.10
C LYS B 358 -8.60 35.30 6.26
N HIS B 359 -8.69 35.09 4.96
CA HIS B 359 -7.55 35.35 4.06
C HIS B 359 -7.85 36.56 3.17
ZN ZN C . -10.49 -13.88 -2.94
ZN ZN D . -11.04 -14.26 -6.07
P PO4 E . -32.10 -36.38 0.72
O1 PO4 E . -30.65 -36.49 1.12
O2 PO4 E . -32.89 -37.43 1.48
O3 PO4 E . -32.61 -35.00 1.07
O4 PO4 E . -32.27 -36.63 -0.76
ZN ZN F . 11.45 13.35 4.13
ZN ZN G . 10.17 16.29 3.15
P PO4 H . 37.50 29.57 11.32
O1 PO4 H . 38.95 29.41 11.72
O2 PO4 H . 36.64 29.66 12.57
O3 PO4 H . 37.32 30.83 10.49
O4 PO4 H . 37.09 28.38 10.50
#